data_7ZZW
#
_entry.id   7ZZW
#
_cell.length_a   92.149
_cell.length_b   97.934
_cell.length_c   139.538
_cell.angle_alpha   90.000
_cell.angle_beta   90.000
_cell.angle_gamma   90.000
#
_symmetry.space_group_name_H-M   'P 21 21 21'
#
loop_
_entity.id
_entity.type
_entity.pdbx_description
1 polymer 'Histone deacetylase 2'
2 non-polymer DI(HYDROXYETHYL)ETHER
3 non-polymer 'TETRAETHYLENE GLYCOL'
4 non-polymer 1,2-ETHANEDIOL
5 non-polymer 'ZINC ION'
6 non-polymer 'CALCIUM ION'
7 non-polymer 'SODIUM ION'
8 non-polymer [(2~{R},4~{S})-4-(3-chlorophenyl)pyrrolidin-2-yl]-(4-thieno[2,3-c]pyridin-7-ylpiperazin-1-yl)methanone
9 non-polymer 2-(cyclohexylazaniumyl)ethanesulfonate
10 water water
#
_entity_poly.entity_id   1
_entity_poly.type   'polypeptide(L)'
_entity_poly.pdbx_seq_one_letter_code
;MAYSQGGGKKKVCYYYDGDIGNYYYGQGHPMKPHRIRMTHNLLLNYGLYRKMEIYRPHKATAEEMTKYHSDEYIKFLRSI
RPDNMSEYSKQMQRFNVGEDCPVFDGLFEFCQLSTGGSVAGAVKLNRQQTDMAVNWAGGLHHAKKSEASGFCYVNDIVLA
ILELLKYHQRVLYIDIDIHHGDGVEEAFYTTDRVMTVSFHKYGEYFPGTGDLRDIGAGKGKYYAVNFPMRDGIDDESYGQ
IFKPIISKVMEMYQPSAVVLQCGADSLSGDRLGCFNLTVKGHAKCVEVVKTFNLPLLMLGGGGYTIRNVARCWTYETAVA
LDCEIPNELPYNDYFEYFGPDFKLHISPSNMTNQNTPEYMEKIKQRLFENLRMLPHAPGVQMQAIPEDAVHEDSGDEDGE
DPDKRISIRASDKRIACDEEFSDSEDEGEGGRRNVADHKKGAKKARIEEDKKETEDKKTDVKEEDKSKDNSGEKTDTKGT
KSEQLSNPGSSGHHHHHH
;
_entity_poly.pdbx_strand_id   A,B,C
#
loop_
_chem_comp.id
_chem_comp.type
_chem_comp.name
_chem_comp.formula
CA non-polymer 'CALCIUM ION' 'Ca 2'
EDO non-polymer 1,2-ETHANEDIOL 'C2 H6 O2'
KKW non-polymer [(2~{R},4~{S})-4-(3-chlorophenyl)pyrrolidin-2-yl]-(4-thieno[2,3-c]pyridin-7-ylpiperazin-1-yl)methanone 'C22 H23 Cl N4 O S'
KZF non-polymer 2-(cyclohexylazaniumyl)ethanesulfonate 'C8 H17 N O3 S'
NA non-polymer 'SODIUM ION' 'Na 1'
PEG non-polymer DI(HYDROXYETHYL)ETHER 'C4 H10 O3'
PG4 non-polymer 'TETRAETHYLENE GLYCOL' 'C8 H18 O5'
ZN non-polymer 'ZINC ION' 'Zn 2'
#
# COMPACT_ATOMS: atom_id res chain seq x y z
N LYS A 9 8.84 -4.54 -22.62
CA LYS A 9 7.80 -5.58 -22.38
C LYS A 9 7.09 -5.30 -21.04
N LYS A 10 5.88 -5.80 -20.94
CA LYS A 10 5.13 -5.82 -19.70
C LYS A 10 5.84 -6.72 -18.68
N LYS A 11 5.85 -6.29 -17.42
CA LYS A 11 6.57 -7.00 -16.36
C LYS A 11 5.66 -8.05 -15.71
N VAL A 12 6.23 -9.21 -15.37
CA VAL A 12 5.49 -10.30 -14.78
C VAL A 12 6.18 -10.72 -13.48
N CYS A 13 5.39 -10.77 -12.41
CA CYS A 13 5.81 -11.31 -11.13
CA CYS A 13 5.86 -11.35 -11.15
C CYS A 13 5.03 -12.61 -10.86
N TYR A 14 5.69 -13.62 -10.30
CA TYR A 14 5.14 -14.96 -10.21
C TYR A 14 5.42 -15.52 -8.81
N TYR A 15 4.39 -16.14 -8.21
CA TYR A 15 4.46 -16.62 -6.82
C TYR A 15 4.48 -18.13 -6.78
N TYR A 16 5.43 -18.65 -5.99
CA TYR A 16 5.55 -20.10 -5.81
C TYR A 16 6.33 -20.41 -4.55
N ASP A 17 5.76 -21.32 -3.75
CA ASP A 17 6.46 -21.88 -2.60
C ASP A 17 6.70 -23.37 -2.87
N GLY A 18 7.94 -23.77 -2.73
CA GLY A 18 8.35 -25.12 -3.05
C GLY A 18 7.71 -26.20 -2.17
N ASP A 19 7.01 -25.85 -1.09
CA ASP A 19 6.28 -26.85 -0.33
C ASP A 19 4.83 -27.08 -0.79
N ILE A 20 4.35 -26.27 -1.72
CA ILE A 20 2.92 -26.26 -2.05
C ILE A 20 2.54 -27.64 -2.57
N GLY A 21 3.43 -28.30 -3.32
CA GLY A 21 3.12 -29.60 -3.88
C GLY A 21 3.15 -30.73 -2.86
N ASN A 22 3.52 -30.46 -1.61
CA ASN A 22 3.59 -31.47 -0.58
C ASN A 22 2.29 -31.60 0.23
N TYR A 23 1.35 -30.69 0.09
CA TYR A 23 0.07 -30.78 0.79
C TYR A 23 -0.77 -31.80 0.03
N TYR A 24 -1.40 -32.70 0.78
CA TYR A 24 -2.05 -33.88 0.20
C TYR A 24 -3.49 -33.99 0.73
N TYR A 25 -4.45 -33.91 -0.19
CA TYR A 25 -5.86 -33.93 0.18
C TYR A 25 -6.30 -35.33 0.64
N GLY A 26 -5.52 -36.37 0.35
CA GLY A 26 -5.86 -37.70 0.87
C GLY A 26 -6.07 -38.71 -0.25
N GLN A 27 -5.91 -39.99 0.08
CA GLN A 27 -6.00 -41.06 -0.95
C GLN A 27 -7.34 -40.96 -1.69
N GLY A 28 -7.30 -40.97 -3.02
CA GLY A 28 -8.51 -40.97 -3.87
C GLY A 28 -9.10 -39.57 -4.09
N HIS A 29 -8.57 -38.54 -3.42
CA HIS A 29 -9.09 -37.18 -3.65
C HIS A 29 -8.50 -36.61 -4.93
N PRO A 30 -9.36 -36.16 -5.88
CA PRO A 30 -8.85 -35.71 -7.18
C PRO A 30 -8.00 -34.42 -7.17
N MET A 31 -8.09 -33.60 -6.13
CA MET A 31 -7.29 -32.38 -6.07
C MET A 31 -5.86 -32.74 -5.62
N LYS A 32 -4.91 -32.41 -6.50
CA LYS A 32 -3.49 -32.78 -6.32
C LYS A 32 -2.61 -31.52 -6.38
N PRO A 33 -2.30 -30.92 -5.23
CA PRO A 33 -1.42 -29.72 -5.25
C PRO A 33 -0.08 -29.92 -5.98
N HIS A 34 0.38 -31.17 -6.11
CA HIS A 34 1.59 -31.53 -6.82
C HIS A 34 1.58 -30.97 -8.26
N ARG A 35 0.39 -30.77 -8.84
CA ARG A 35 0.26 -30.24 -10.17
C ARG A 35 0.90 -28.85 -10.25
N ILE A 36 0.91 -28.12 -9.14
CA ILE A 36 1.51 -26.76 -9.13
C ILE A 36 3.04 -26.87 -9.24
N ARG A 37 3.61 -27.87 -8.59
CA ARG A 37 5.04 -28.15 -8.65
C ARG A 37 5.42 -28.64 -10.05
N MET A 38 4.58 -29.47 -10.65
CA MET A 38 4.85 -29.92 -12.03
C MET A 38 4.88 -28.74 -13.00
N THR A 39 3.94 -27.82 -12.82
CA THR A 39 3.85 -26.62 -13.60
C THR A 39 5.14 -25.81 -13.43
N HIS A 40 5.53 -25.59 -12.18
CA HIS A 40 6.73 -24.80 -11.89
C HIS A 40 7.96 -25.45 -12.55
N ASN A 41 8.09 -26.77 -12.42
CA ASN A 41 9.28 -27.45 -12.92
C ASN A 41 9.34 -27.36 -14.45
N LEU A 42 8.19 -27.46 -15.10
CA LEU A 42 8.15 -27.41 -16.53
C LEU A 42 8.53 -25.99 -16.98
N LEU A 43 7.95 -24.95 -16.37
CA LEU A 43 8.28 -23.63 -16.87
C LEU A 43 9.73 -23.27 -16.53
N LEU A 44 10.33 -23.74 -15.43
CA LEU A 44 11.75 -23.57 -15.18
C LEU A 44 12.59 -24.21 -16.30
N ASN A 45 12.21 -25.40 -16.75
CA ASN A 45 12.99 -26.12 -17.73
C ASN A 45 12.79 -25.51 -19.12
N TYR A 46 11.73 -24.78 -19.34
CA TYR A 46 11.59 -23.99 -20.53
C TYR A 46 12.41 -22.69 -20.45
N GLY A 47 12.94 -22.34 -19.29
CA GLY A 47 13.79 -21.11 -19.14
C GLY A 47 12.97 -19.85 -18.84
N LEU A 48 11.70 -19.98 -18.49
CA LEU A 48 10.85 -18.79 -18.38
C LEU A 48 11.23 -17.98 -17.14
N TYR A 49 11.98 -18.55 -16.22
CA TYR A 49 12.46 -17.83 -15.04
C TYR A 49 13.37 -16.66 -15.45
N ARG A 50 14.00 -16.72 -16.62
CA ARG A 50 14.92 -15.68 -17.08
C ARG A 50 14.18 -14.36 -17.34
N LYS A 51 12.87 -14.42 -17.52
CA LYS A 51 12.10 -13.29 -18.01
C LYS A 51 11.12 -12.77 -16.96
N MET A 52 11.05 -13.38 -15.77
CA MET A 52 10.10 -12.86 -14.77
C MET A 52 10.73 -12.85 -13.38
N GLU A 53 10.07 -12.12 -12.50
CA GLU A 53 10.48 -12.07 -11.10
C GLU A 53 9.72 -13.19 -10.39
N ILE A 54 10.45 -14.04 -9.69
CA ILE A 54 9.86 -15.14 -8.98
C ILE A 54 9.99 -14.87 -7.47
N TYR A 55 8.86 -14.95 -6.77
CA TYR A 55 8.80 -14.71 -5.33
C TYR A 55 8.17 -15.90 -4.62
N ARG A 56 8.60 -16.09 -3.37
CA ARG A 56 7.90 -16.97 -2.44
C ARG A 56 6.80 -16.13 -1.78
N PRO A 57 5.60 -16.66 -1.73
CA PRO A 57 4.55 -15.98 -0.99
C PRO A 57 4.81 -16.05 0.52
N HIS A 58 4.34 -15.06 1.24
CA HIS A 58 4.25 -15.12 2.68
C HIS A 58 3.10 -16.07 3.06
N LYS A 59 3.10 -16.52 4.32
CA LYS A 59 1.93 -17.20 4.85
C LYS A 59 0.91 -16.14 5.27
N ALA A 60 -0.19 -16.04 4.53
CA ALA A 60 -1.21 -15.05 4.84
C ALA A 60 -1.63 -15.21 6.31
N THR A 61 -1.78 -14.09 7.00
CA THR A 61 -2.12 -14.12 8.40
C THR A 61 -3.64 -14.20 8.60
N ALA A 62 -4.01 -14.53 9.82
CA ALA A 62 -5.43 -14.51 10.24
C ALA A 62 -6.04 -13.11 9.99
N GLU A 63 -5.26 -12.10 10.31
CA GLU A 63 -5.64 -10.71 10.08
C GLU A 63 -5.98 -10.48 8.60
N GLU A 64 -5.16 -10.97 7.68
CA GLU A 64 -5.42 -10.83 6.25
C GLU A 64 -6.68 -11.61 5.87
N MET A 65 -6.84 -12.84 6.38
CA MET A 65 -7.95 -13.70 5.94
C MET A 65 -9.30 -13.19 6.44
N THR A 66 -9.30 -12.58 7.63
CA THR A 66 -10.51 -12.06 8.22
C THR A 66 -10.90 -10.72 7.59
N LYS A 67 -10.18 -10.22 6.62
CA LYS A 67 -10.72 -9.09 5.83
C LYS A 67 -11.99 -9.53 5.11
N TYR A 68 -12.18 -10.84 4.88
CA TYR A 68 -13.43 -11.33 4.32
C TYR A 68 -14.08 -12.38 5.24
N HIS A 69 -13.34 -13.43 5.61
CA HIS A 69 -13.85 -14.56 6.34
C HIS A 69 -14.12 -14.21 7.79
N SER A 70 -15.08 -14.92 8.37
CA SER A 70 -15.41 -14.73 9.76
C SER A 70 -14.25 -15.22 10.65
N ASP A 71 -14.08 -14.55 11.78
CA ASP A 71 -13.05 -14.89 12.78
C ASP A 71 -13.17 -16.33 13.29
N GLU A 72 -14.40 -16.75 13.54
CA GLU A 72 -14.69 -18.07 14.06
C GLU A 72 -14.25 -19.12 13.03
N TYR A 73 -14.56 -18.88 11.77
CA TYR A 73 -14.20 -19.84 10.70
C TYR A 73 -12.67 -19.95 10.56
N ILE A 74 -11.97 -18.82 10.53
CA ILE A 74 -10.52 -18.83 10.41
C ILE A 74 -9.88 -19.47 11.65
N LYS A 75 -10.36 -19.15 12.84
CA LYS A 75 -9.84 -19.76 14.06
C LYS A 75 -9.99 -21.28 14.02
N PHE A 76 -11.13 -21.74 13.51
CA PHE A 76 -11.37 -23.18 13.34
C PHE A 76 -10.36 -23.81 12.37
N LEU A 77 -10.13 -23.20 11.22
CA LEU A 77 -9.17 -23.73 10.22
C LEU A 77 -7.76 -23.79 10.82
N ARG A 78 -7.44 -22.85 11.70
CA ARG A 78 -6.13 -22.79 12.33
C ARG A 78 -6.02 -23.89 13.41
N SER A 79 -7.14 -24.47 13.83
CA SER A 79 -7.17 -25.37 14.98
C SER A 79 -7.26 -26.84 14.56
N ILE A 80 -7.97 -27.10 13.46
CA ILE A 80 -8.40 -28.45 13.10
C ILE A 80 -7.22 -29.26 12.54
N ARG A 81 -7.04 -30.47 13.06
CA ARG A 81 -5.99 -31.38 12.61
C ARG A 81 -6.54 -32.81 12.57
N PRO A 82 -5.89 -33.70 11.78
CA PRO A 82 -6.24 -35.12 11.81
C PRO A 82 -6.36 -35.67 13.24
N ASP A 83 -5.39 -35.40 14.12
CA ASP A 83 -5.41 -35.95 15.47
C ASP A 83 -6.48 -35.37 16.43
N ASN A 84 -7.16 -34.26 16.10
CA ASN A 84 -8.15 -33.72 17.06
C ASN A 84 -9.56 -33.62 16.45
N MET A 85 -9.81 -34.25 15.31
CA MET A 85 -11.12 -34.17 14.60
C MET A 85 -12.26 -34.66 15.49
N SER A 86 -12.00 -35.70 16.27
CA SER A 86 -13.01 -36.23 17.18
C SER A 86 -13.58 -35.11 18.08
N GLU A 87 -12.75 -34.16 18.48
CA GLU A 87 -13.15 -33.10 19.44
C GLU A 87 -13.90 -31.96 18.72
N TYR A 88 -13.90 -31.94 17.41
CA TYR A 88 -14.35 -30.78 16.66
C TYR A 88 -15.52 -31.19 15.72
N SER A 89 -16.26 -32.25 16.03
CA SER A 89 -17.17 -32.80 15.01
C SER A 89 -18.29 -31.79 14.70
N LYS A 90 -18.78 -31.04 15.69
CA LYS A 90 -19.87 -30.08 15.44
C LYS A 90 -19.37 -28.87 14.64
N GLN A 91 -18.17 -28.38 14.93
CA GLN A 91 -17.58 -27.30 14.12
C GLN A 91 -17.30 -27.79 12.69
N MET A 92 -16.85 -29.03 12.54
CA MET A 92 -16.63 -29.58 11.22
C MET A 92 -17.93 -29.51 10.39
N GLN A 93 -19.05 -29.88 10.99
CA GLN A 93 -20.35 -29.80 10.33
C GLN A 93 -20.67 -28.32 10.03
N ARG A 94 -20.52 -27.42 11.00
CA ARG A 94 -20.89 -26.01 10.75
C ARG A 94 -20.05 -25.42 9.61
N PHE A 95 -18.76 -25.78 9.51
CA PHE A 95 -17.87 -25.09 8.57
C PHE A 95 -17.67 -25.93 7.30
N ASN A 96 -18.36 -27.07 7.21
CA ASN A 96 -18.38 -27.94 6.01
C ASN A 96 -16.97 -28.47 5.69
N VAL A 97 -16.24 -28.85 6.75
CA VAL A 97 -14.92 -29.43 6.62
C VAL A 97 -14.99 -30.90 7.08
N GLY A 98 -14.33 -31.80 6.34
CA GLY A 98 -14.26 -33.21 6.76
C GLY A 98 -14.62 -34.20 5.66
N GLU A 99 -15.19 -33.74 4.55
CA GLU A 99 -15.58 -34.65 3.42
C GLU A 99 -14.84 -34.21 2.14
N ASP A 100 -15.53 -33.58 1.19
CA ASP A 100 -14.89 -33.13 -0.04
C ASP A 100 -13.87 -32.01 0.25
N CYS A 101 -14.06 -31.31 1.37
CA CYS A 101 -13.07 -30.40 1.91
C CYS A 101 -12.43 -31.08 3.13
N PRO A 102 -11.51 -32.03 2.89
CA PRO A 102 -11.09 -32.88 3.99
C PRO A 102 -10.20 -32.15 5.01
N VAL A 103 -10.00 -32.78 6.17
CA VAL A 103 -8.97 -32.34 7.10
C VAL A 103 -7.66 -33.03 6.71
N PHE A 104 -6.59 -32.27 6.47
CA PHE A 104 -5.30 -32.90 6.19
C PHE A 104 -4.16 -32.17 6.89
N ASP A 105 -3.03 -32.88 7.04
CA ASP A 105 -1.85 -32.31 7.68
C ASP A 105 -1.45 -31.05 6.92
N GLY A 106 -1.28 -29.94 7.65
CA GLY A 106 -0.86 -28.68 7.02
C GLY A 106 -1.98 -27.92 6.30
N LEU A 107 -3.23 -28.30 6.49
CA LEU A 107 -4.35 -27.61 5.84
C LEU A 107 -4.21 -26.08 5.96
N PHE A 108 -3.97 -25.60 7.17
CA PHE A 108 -3.97 -24.14 7.34
C PHE A 108 -2.80 -23.54 6.58
N GLU A 109 -1.60 -24.13 6.67
CA GLU A 109 -0.45 -23.62 5.91
C GLU A 109 -0.74 -23.57 4.41
N PHE A 110 -1.42 -24.59 3.89
CA PHE A 110 -1.80 -24.59 2.48
C PHE A 110 -2.66 -23.36 2.15
N CYS A 111 -3.65 -23.08 2.98
CA CYS A 111 -4.49 -21.92 2.83
C CYS A 111 -3.64 -20.63 2.89
N GLN A 112 -2.68 -20.61 3.80
CA GLN A 112 -1.85 -19.41 3.98
C GLN A 112 -0.99 -19.13 2.74
N LEU A 113 -0.42 -20.18 2.14
CA LEU A 113 0.47 -20.00 0.98
C LEU A 113 -0.29 -19.70 -0.31
N SER A 114 -1.41 -20.39 -0.51
CA SER A 114 -2.32 -20.12 -1.62
CA SER A 114 -2.29 -20.11 -1.65
C SER A 114 -2.79 -18.66 -1.57
N THR A 115 -3.26 -18.25 -0.39
CA THR A 115 -3.79 -16.92 -0.23
C THR A 115 -2.67 -15.89 -0.32
N GLY A 116 -1.53 -16.21 0.29
CA GLY A 116 -0.43 -15.27 0.30
C GLY A 116 -0.01 -14.83 -1.08
N GLY A 117 0.03 -15.78 -2.03
CA GLY A 117 0.43 -15.45 -3.38
C GLY A 117 -0.53 -14.47 -4.03
N SER A 118 -1.81 -14.63 -3.80
CA SER A 118 -2.84 -13.82 -4.43
C SER A 118 -2.82 -12.38 -3.87
N VAL A 119 -2.77 -12.27 -2.54
CA VAL A 119 -2.79 -10.95 -1.92
C VAL A 119 -1.46 -10.23 -2.24
N ALA A 120 -0.35 -10.95 -2.20
CA ALA A 120 0.94 -10.32 -2.49
C ALA A 120 0.95 -9.79 -3.95
N GLY A 121 0.41 -10.58 -4.88
CA GLY A 121 0.26 -10.18 -6.30
C GLY A 121 -0.54 -8.90 -6.43
N ALA A 122 -1.67 -8.85 -5.75
CA ALA A 122 -2.53 -7.68 -5.73
C ALA A 122 -1.78 -6.44 -5.20
N VAL A 123 -1.00 -6.58 -4.13
CA VAL A 123 -0.22 -5.46 -3.61
C VAL A 123 0.77 -4.96 -4.67
N LYS A 124 1.42 -5.90 -5.36
CA LYS A 124 2.39 -5.54 -6.39
C LYS A 124 1.73 -4.72 -7.51
N LEU A 125 0.54 -5.14 -7.91
CA LEU A 125 -0.21 -4.45 -8.93
C LEU A 125 -0.60 -3.04 -8.42
N ASN A 126 -1.05 -2.94 -7.18
CA ASN A 126 -1.48 -1.68 -6.58
C ASN A 126 -0.30 -0.70 -6.55
N ARG A 127 0.89 -1.21 -6.25
CA ARG A 127 2.11 -0.38 -6.10
C ARG A 127 2.71 -0.04 -7.48
N GLN A 128 2.08 -0.54 -8.54
CA GLN A 128 2.52 -0.37 -9.93
C GLN A 128 3.95 -0.87 -10.08
N GLN A 129 4.30 -1.94 -9.37
CA GLN A 129 5.63 -2.54 -9.47
C GLN A 129 5.63 -3.67 -10.50
N THR A 130 4.45 -4.05 -10.97
CA THR A 130 4.32 -5.04 -12.00
C THR A 130 3.07 -4.75 -12.83
N ASP A 131 3.05 -5.30 -14.04
CA ASP A 131 1.86 -5.29 -14.90
C ASP A 131 0.96 -6.50 -14.81
N MET A 132 1.58 -7.65 -14.54
CA MET A 132 0.90 -8.91 -14.29
C MET A 132 1.53 -9.59 -13.09
N ALA A 133 0.68 -10.23 -12.32
CA ALA A 133 1.11 -11.08 -11.22
C ALA A 133 0.41 -12.42 -11.41
N VAL A 134 1.13 -13.50 -11.12
CA VAL A 134 0.67 -14.84 -11.37
C VAL A 134 0.77 -15.66 -10.09
N ASN A 135 -0.31 -16.34 -9.72
CA ASN A 135 -0.32 -17.26 -8.57
C ASN A 135 -1.10 -18.53 -8.94
N TRP A 136 -0.41 -19.52 -9.48
CA TRP A 136 -1.09 -20.76 -9.91
C TRP A 136 -1.63 -21.56 -8.73
N ALA A 137 -1.15 -21.30 -7.50
CA ALA A 137 -1.69 -21.96 -6.30
C ALA A 137 -3.02 -21.34 -5.82
N GLY A 138 -3.47 -20.24 -6.43
CA GLY A 138 -4.71 -19.59 -6.05
C GLY A 138 -5.89 -19.98 -6.93
N GLY A 139 -6.93 -19.14 -6.90
CA GLY A 139 -8.13 -19.37 -7.69
C GLY A 139 -9.22 -20.17 -6.99
N LEU A 140 -9.27 -20.14 -5.65
CA LEU A 140 -10.17 -21.03 -4.84
C LEU A 140 -11.58 -20.42 -4.73
N HIS A 141 -12.28 -20.41 -5.87
CA HIS A 141 -13.46 -19.56 -6.07
C HIS A 141 -14.72 -19.99 -5.32
N HIS A 142 -14.80 -21.20 -4.74
CA HIS A 142 -16.00 -21.66 -4.07
C HIS A 142 -16.03 -21.30 -2.57
N ALA A 143 -14.90 -20.92 -1.95
CA ALA A 143 -14.93 -20.73 -0.51
C ALA A 143 -15.83 -19.55 -0.15
N LYS A 144 -16.55 -19.73 0.96
CA LYS A 144 -17.56 -18.77 1.41
C LYS A 144 -17.08 -18.08 2.69
N LYS A 145 -17.81 -17.07 3.12
CA LYS A 145 -17.36 -16.23 4.20
C LYS A 145 -17.14 -17.07 5.48
N SER A 146 -18.04 -18.01 5.78
CA SER A 146 -17.96 -18.80 6.97
C SER A 146 -18.05 -20.30 6.70
N GLU A 147 -17.70 -20.76 5.50
CA GLU A 147 -17.67 -22.22 5.29
C GLU A 147 -16.82 -22.56 4.08
N ALA A 148 -16.23 -23.77 4.15
CA ALA A 148 -15.53 -24.35 3.03
C ALA A 148 -16.56 -24.86 2.01
N SER A 149 -16.15 -24.94 0.76
CA SER A 149 -16.98 -25.54 -0.28
C SER A 149 -16.11 -26.00 -1.45
N GLY A 150 -16.42 -27.15 -2.01
CA GLY A 150 -15.86 -27.53 -3.29
C GLY A 150 -14.33 -27.55 -3.31
N PHE A 151 -13.76 -28.14 -2.26
CA PHE A 151 -12.33 -28.34 -2.08
C PHE A 151 -11.65 -27.05 -1.60
N CYS A 152 -12.40 -25.96 -1.45
CA CYS A 152 -11.81 -24.61 -1.20
C CYS A 152 -12.08 -24.15 0.23
N TYR A 153 -11.07 -23.62 0.93
CA TYR A 153 -11.28 -23.26 2.33
C TYR A 153 -11.25 -21.74 2.51
N VAL A 154 -10.23 -21.11 1.96
CA VAL A 154 -10.06 -19.65 2.06
C VAL A 154 -10.11 -19.09 0.63
N ASN A 155 -10.95 -18.06 0.45
CA ASN A 155 -11.18 -17.44 -0.86
C ASN A 155 -10.10 -16.39 -1.15
N ASP A 156 -8.97 -16.85 -1.69
CA ASP A 156 -7.82 -16.00 -2.03
C ASP A 156 -8.25 -14.94 -3.04
N ILE A 157 -9.21 -15.30 -3.89
CA ILE A 157 -9.64 -14.38 -4.96
C ILE A 157 -10.35 -13.17 -4.35
N VAL A 158 -11.32 -13.43 -3.48
CA VAL A 158 -12.05 -12.34 -2.82
C VAL A 158 -11.04 -11.46 -2.05
N LEU A 159 -10.10 -12.08 -1.33
CA LEU A 159 -9.13 -11.30 -0.56
C LEU A 159 -8.26 -10.44 -1.49
N ALA A 160 -7.86 -11.00 -2.64
CA ALA A 160 -7.06 -10.24 -3.59
C ALA A 160 -7.89 -9.09 -4.18
N ILE A 161 -9.16 -9.35 -4.47
CA ILE A 161 -9.99 -8.28 -5.03
C ILE A 161 -10.17 -7.16 -3.99
N LEU A 162 -10.40 -7.53 -2.74
CA LEU A 162 -10.48 -6.51 -1.68
C LEU A 162 -9.20 -5.65 -1.61
N GLU A 163 -8.04 -6.27 -1.77
CA GLU A 163 -6.77 -5.53 -1.82
C GLU A 163 -6.80 -4.55 -3.03
N LEU A 164 -7.17 -5.02 -4.22
CA LEU A 164 -7.21 -4.14 -5.40
C LEU A 164 -8.20 -2.97 -5.19
N LEU A 165 -9.31 -3.22 -4.49
CA LEU A 165 -10.36 -2.22 -4.29
C LEU A 165 -9.88 -1.09 -3.40
N LYS A 166 -8.73 -1.26 -2.77
CA LYS A 166 -8.17 -0.14 -2.04
C LYS A 166 -7.73 0.96 -3.01
N TYR A 167 -7.29 0.59 -4.22
CA TYR A 167 -6.70 1.55 -5.16
C TYR A 167 -7.56 1.69 -6.43
N HIS A 168 -8.48 0.76 -6.68
CA HIS A 168 -9.21 0.72 -7.93
C HIS A 168 -10.72 0.82 -7.68
N GLN A 169 -11.36 1.80 -8.33
CA GLN A 169 -12.78 2.01 -8.15
C GLN A 169 -13.59 0.82 -8.67
N ARG A 170 -13.13 0.23 -9.78
CA ARG A 170 -13.84 -0.84 -10.51
C ARG A 170 -12.84 -1.93 -10.84
N VAL A 171 -13.14 -3.14 -10.37
CA VAL A 171 -12.33 -4.33 -10.61
C VAL A 171 -13.19 -5.33 -11.39
N LEU A 172 -12.59 -5.90 -12.42
CA LEU A 172 -13.26 -6.95 -13.21
C LEU A 172 -12.68 -8.31 -12.83
N TYR A 173 -13.58 -9.25 -12.53
CA TYR A 173 -13.21 -10.65 -12.28
C TYR A 173 -13.70 -11.51 -13.44
N ILE A 174 -12.82 -12.33 -14.03
CA ILE A 174 -13.21 -13.26 -15.13
C ILE A 174 -12.83 -14.67 -14.70
N ASP A 175 -13.71 -15.62 -14.92
CA ASP A 175 -13.53 -17.02 -14.43
C ASP A 175 -13.80 -18.00 -15.56
N ILE A 176 -12.75 -18.73 -15.97
CA ILE A 176 -12.86 -19.68 -17.08
C ILE A 176 -12.69 -21.12 -16.59
N ASP A 177 -12.71 -21.33 -15.28
CA ASP A 177 -12.85 -22.66 -14.70
C ASP A 177 -14.17 -23.24 -15.24
N ILE A 178 -14.27 -24.55 -15.40
CA ILE A 178 -15.55 -25.13 -15.85
C ILE A 178 -16.69 -24.90 -14.83
N HIS A 179 -16.38 -24.64 -13.56
CA HIS A 179 -17.38 -24.41 -12.51
C HIS A 179 -17.67 -22.92 -12.38
N HIS A 180 -18.91 -22.64 -11.99
CA HIS A 180 -19.32 -21.29 -11.66
C HIS A 180 -18.50 -20.75 -10.48
N GLY A 181 -17.96 -19.54 -10.62
CA GLY A 181 -17.23 -18.91 -9.52
C GLY A 181 -18.19 -18.31 -8.50
N ASP A 182 -18.91 -19.18 -7.81
CA ASP A 182 -20.00 -18.77 -6.92
C ASP A 182 -19.54 -17.96 -5.69
N GLY A 183 -18.43 -18.34 -5.06
CA GLY A 183 -18.02 -17.64 -3.83
C GLY A 183 -17.59 -16.22 -4.14
N VAL A 184 -16.98 -16.02 -5.30
CA VAL A 184 -16.56 -14.68 -5.71
C VAL A 184 -17.80 -13.87 -6.07
N GLU A 185 -18.69 -14.47 -6.85
CA GLU A 185 -19.93 -13.75 -7.24
C GLU A 185 -20.71 -13.29 -6.00
N GLU A 186 -20.84 -14.19 -5.03
CA GLU A 186 -21.60 -13.95 -3.84
C GLU A 186 -21.01 -12.79 -3.03
N ALA A 187 -19.68 -12.77 -2.90
CA ALA A 187 -19.01 -11.75 -2.08
C ALA A 187 -19.35 -10.35 -2.60
N PHE A 188 -19.51 -10.21 -3.93
CA PHE A 188 -19.62 -8.89 -4.56
C PHE A 188 -20.98 -8.69 -5.25
N TYR A 189 -21.95 -9.54 -4.91
CA TYR A 189 -23.22 -9.59 -5.65
C TYR A 189 -23.99 -8.28 -5.53
N THR A 190 -23.81 -7.54 -4.44
CA THR A 190 -24.60 -6.30 -4.22
C THR A 190 -23.75 -5.04 -4.42
N THR A 191 -22.59 -5.12 -5.07
CA THR A 191 -21.80 -3.93 -5.37
C THR A 191 -21.52 -3.83 -6.87
N ASP A 192 -21.43 -2.59 -7.31
CA ASP A 192 -21.02 -2.27 -8.66
C ASP A 192 -19.51 -2.06 -8.76
N ARG A 193 -18.78 -2.25 -7.65
CA ARG A 193 -17.34 -1.97 -7.63
C ARG A 193 -16.55 -3.19 -8.11
N VAL A 194 -17.20 -4.33 -8.21
CA VAL A 194 -16.63 -5.52 -8.85
C VAL A 194 -17.70 -6.07 -9.80
N MET A 195 -17.29 -6.30 -11.04
CA MET A 195 -18.12 -7.04 -11.96
C MET A 195 -17.53 -8.44 -12.05
N THR A 196 -18.35 -9.45 -11.83
CA THR A 196 -17.94 -10.86 -11.95
C THR A 196 -18.50 -11.42 -13.26
N VAL A 197 -17.63 -12.09 -14.02
CA VAL A 197 -17.96 -12.70 -15.27
C VAL A 197 -17.49 -14.15 -15.24
N SER A 198 -18.44 -15.08 -15.23
CA SER A 198 -18.12 -16.53 -15.19
C SER A 198 -18.68 -17.22 -16.43
N PHE A 199 -17.83 -18.01 -17.08
CA PHE A 199 -18.23 -18.96 -18.13
C PHE A 199 -18.10 -20.33 -17.51
N HIS A 200 -19.14 -21.16 -17.59
CA HIS A 200 -19.15 -22.42 -16.82
C HIS A 200 -20.21 -23.36 -17.40
N LYS A 201 -19.99 -24.65 -17.15
CA LYS A 201 -21.01 -25.62 -17.39
C LYS A 201 -22.16 -25.40 -16.42
N TYR A 202 -23.36 -25.52 -16.97
CA TYR A 202 -24.57 -25.33 -16.23
C TYR A 202 -25.64 -26.36 -16.63
N GLY A 203 -26.38 -26.82 -15.62
CA GLY A 203 -27.39 -27.90 -15.77
C GLY A 203 -27.12 -29.04 -14.79
N GLU A 204 -27.74 -28.95 -13.62
CA GLU A 204 -27.48 -29.88 -12.51
C GLU A 204 -26.00 -30.22 -12.45
N TYR A 205 -25.19 -29.19 -12.31
CA TYR A 205 -23.74 -29.37 -12.25
C TYR A 205 -23.21 -28.52 -11.09
N PHE A 206 -22.14 -28.96 -10.43
CA PHE A 206 -21.63 -28.23 -9.26
C PHE A 206 -21.21 -26.82 -9.67
N PRO A 207 -21.50 -25.78 -8.89
CA PRO A 207 -22.19 -25.77 -7.61
C PRO A 207 -23.72 -25.55 -7.71
N GLY A 208 -24.23 -25.46 -8.92
CA GLY A 208 -25.69 -25.34 -9.10
C GLY A 208 -26.14 -23.91 -9.39
N THR A 209 -25.22 -22.96 -9.31
CA THR A 209 -25.51 -21.53 -9.46
C THR A 209 -24.99 -21.03 -10.82
N GLY A 210 -25.07 -19.71 -11.08
CA GLY A 210 -24.57 -19.16 -12.32
C GLY A 210 -25.55 -19.29 -13.47
N ASP A 211 -26.85 -19.18 -13.17
CA ASP A 211 -27.89 -19.06 -14.19
C ASP A 211 -27.64 -17.73 -14.94
N LEU A 212 -27.98 -17.73 -16.24
CA LEU A 212 -28.06 -16.55 -17.10
C LEU A 212 -28.77 -15.40 -16.38
N ARG A 213 -29.81 -15.72 -15.62
CA ARG A 213 -30.70 -14.72 -15.04
C ARG A 213 -30.16 -14.20 -13.69
N ASP A 214 -29.08 -14.74 -13.19
CA ASP A 214 -28.43 -14.20 -11.98
C ASP A 214 -27.54 -13.05 -12.43
N ILE A 215 -28.01 -11.83 -12.23
CA ILE A 215 -27.37 -10.62 -12.80
C ILE A 215 -26.92 -9.67 -11.69
N GLY A 216 -27.03 -10.06 -10.42
CA GLY A 216 -26.67 -9.18 -9.28
C GLY A 216 -27.91 -8.62 -8.60
N ALA A 217 -27.72 -7.86 -7.52
CA ALA A 217 -28.87 -7.28 -6.78
C ALA A 217 -28.45 -5.93 -6.19
N GLY A 218 -29.44 -5.08 -5.95
CA GLY A 218 -29.16 -3.77 -5.37
C GLY A 218 -28.29 -2.94 -6.28
N LYS A 219 -27.27 -2.29 -5.72
CA LYS A 219 -26.38 -1.47 -6.50
C LYS A 219 -25.62 -2.38 -7.47
N GLY A 220 -25.55 -3.67 -7.13
CA GLY A 220 -24.89 -4.70 -7.94
C GLY A 220 -25.74 -5.23 -9.11
N LYS A 221 -26.99 -4.80 -9.25
CA LYS A 221 -27.79 -5.28 -10.39
C LYS A 221 -27.10 -4.89 -11.72
N TYR A 222 -26.87 -5.91 -12.54
CA TYR A 222 -26.22 -5.93 -13.86
C TYR A 222 -24.69 -6.02 -13.73
N TYR A 223 -24.16 -6.21 -12.52
CA TYR A 223 -22.70 -6.32 -12.31
C TYR A 223 -22.27 -7.76 -12.02
N ALA A 224 -23.16 -8.71 -12.25
CA ALA A 224 -22.79 -10.12 -12.31
C ALA A 224 -23.23 -10.65 -13.66
N VAL A 225 -22.30 -11.38 -14.30
CA VAL A 225 -22.52 -11.88 -15.65
C VAL A 225 -22.19 -13.37 -15.65
N ASN A 226 -23.11 -14.16 -16.17
CA ASN A 226 -22.98 -15.61 -16.18
C ASN A 226 -23.30 -16.14 -17.58
N PHE A 227 -22.36 -16.91 -18.14
CA PHE A 227 -22.54 -17.55 -19.43
C PHE A 227 -22.59 -19.07 -19.21
N PRO A 228 -23.80 -19.61 -19.08
CA PRO A 228 -23.95 -21.05 -18.92
C PRO A 228 -23.79 -21.84 -20.24
N MET A 229 -23.02 -22.93 -20.15
CA MET A 229 -22.62 -23.73 -21.33
C MET A 229 -22.94 -25.21 -21.09
N ARG A 230 -22.95 -25.96 -22.19
CA ARG A 230 -23.19 -27.40 -22.16
C ARG A 230 -21.86 -28.11 -22.43
N ASP A 231 -21.89 -29.43 -22.26
CA ASP A 231 -20.73 -30.28 -22.53
CA ASP A 231 -20.73 -30.28 -22.53
C ASP A 231 -20.17 -30.05 -23.92
N GLY A 232 -18.85 -30.20 -24.05
CA GLY A 232 -18.23 -30.37 -25.34
C GLY A 232 -17.87 -29.08 -26.05
N ILE A 233 -17.97 -27.93 -25.37
CA ILE A 233 -17.59 -26.70 -26.01
C ILE A 233 -16.12 -26.80 -26.45
N ASP A 234 -15.86 -26.25 -27.64
CA ASP A 234 -14.57 -26.31 -28.29
C ASP A 234 -13.92 -24.94 -28.44
N ASP A 235 -12.71 -24.90 -28.95
CA ASP A 235 -11.94 -23.66 -29.01
C ASP A 235 -12.62 -22.57 -29.86
N GLU A 236 -13.14 -23.00 -31.00
CA GLU A 236 -13.84 -22.11 -31.93
C GLU A 236 -15.08 -21.48 -31.27
N SER A 237 -15.91 -22.32 -30.67
CA SER A 237 -17.15 -21.87 -30.04
C SER A 237 -16.84 -20.94 -28.87
N TYR A 238 -15.87 -21.31 -28.05
CA TYR A 238 -15.54 -20.54 -26.85
C TYR A 238 -14.96 -19.19 -27.28
N GLY A 239 -14.06 -19.22 -28.25
CA GLY A 239 -13.39 -18.00 -28.73
C GLY A 239 -14.39 -16.99 -29.28
N GLN A 240 -15.38 -17.49 -30.00
CA GLN A 240 -16.42 -16.65 -30.63
C GLN A 240 -17.32 -15.97 -29.59
N ILE A 241 -17.38 -16.46 -28.37
CA ILE A 241 -18.17 -15.73 -27.40
C ILE A 241 -17.27 -14.99 -26.42
N PHE A 242 -16.09 -15.50 -26.06
CA PHE A 242 -15.29 -14.87 -25.01
C PHE A 242 -14.89 -13.45 -25.44
N LYS A 243 -14.34 -13.29 -26.62
CA LYS A 243 -13.77 -12.01 -27.01
C LYS A 243 -14.88 -10.94 -27.13
N PRO A 244 -15.96 -11.22 -27.86
CA PRO A 244 -17.02 -10.26 -27.83
C PRO A 244 -17.61 -9.90 -26.45
N ILE A 245 -17.77 -10.87 -25.56
CA ILE A 245 -18.34 -10.58 -24.26
CA ILE A 245 -18.36 -10.55 -24.27
C ILE A 245 -17.37 -9.69 -23.46
N ILE A 246 -16.12 -10.11 -23.39
CA ILE A 246 -15.15 -9.35 -22.59
C ILE A 246 -14.96 -7.96 -23.20
N SER A 247 -14.91 -7.85 -24.54
CA SER A 247 -14.84 -6.53 -25.22
C SER A 247 -16.00 -5.63 -24.80
N LYS A 248 -17.21 -6.18 -24.77
CA LYS A 248 -18.37 -5.35 -24.40
C LYS A 248 -18.31 -4.99 -22.90
N VAL A 249 -17.91 -5.93 -22.07
CA VAL A 249 -17.71 -5.67 -20.62
C VAL A 249 -16.70 -4.53 -20.45
N MET A 250 -15.60 -4.63 -21.19
CA MET A 250 -14.54 -3.62 -21.04
C MET A 250 -15.08 -2.25 -21.44
N GLU A 251 -15.79 -2.18 -22.57
CA GLU A 251 -16.31 -0.94 -23.08
C GLU A 251 -17.31 -0.33 -22.09
N MET A 252 -18.17 -1.15 -21.49
CA MET A 252 -19.30 -0.60 -20.71
C MET A 252 -18.87 -0.36 -19.25
N TYR A 253 -18.05 -1.26 -18.72
CA TYR A 253 -17.69 -1.25 -17.28
C TYR A 253 -16.42 -0.42 -17.04
N GLN A 254 -15.48 -0.44 -17.97
CA GLN A 254 -14.24 0.35 -17.89
C GLN A 254 -13.51 0.10 -16.54
N PRO A 255 -13.13 -1.13 -16.27
CA PRO A 255 -12.46 -1.47 -15.01
C PRO A 255 -11.02 -0.95 -15.07
N SER A 256 -10.34 -0.79 -13.92
CA SER A 256 -8.95 -0.35 -13.92
C SER A 256 -8.00 -1.48 -13.50
N ALA A 257 -8.54 -2.64 -13.11
CA ALA A 257 -7.75 -3.81 -12.83
C ALA A 257 -8.59 -5.06 -13.12
N VAL A 258 -7.92 -6.16 -13.44
CA VAL A 258 -8.58 -7.39 -13.79
C VAL A 258 -7.97 -8.57 -13.01
N VAL A 259 -8.84 -9.48 -12.57
CA VAL A 259 -8.45 -10.75 -11.99
C VAL A 259 -9.01 -11.85 -12.89
N LEU A 260 -8.14 -12.74 -13.34
CA LEU A 260 -8.54 -13.84 -14.26
C LEU A 260 -8.21 -15.17 -13.58
N GLN A 261 -9.25 -15.94 -13.28
CA GLN A 261 -9.18 -17.29 -12.76
C GLN A 261 -9.05 -18.21 -13.98
N CYS A 262 -7.93 -18.95 -14.04
CA CYS A 262 -7.55 -19.74 -15.18
C CYS A 262 -7.70 -21.25 -14.95
N GLY A 263 -8.77 -21.64 -14.27
CA GLY A 263 -9.03 -23.04 -13.94
C GLY A 263 -8.97 -23.90 -15.19
N ALA A 264 -8.18 -24.98 -15.09
CA ALA A 264 -7.83 -25.82 -16.25
C ALA A 264 -8.73 -27.05 -16.33
N ASP A 265 -9.77 -27.14 -15.52
CA ASP A 265 -10.74 -28.22 -15.61
C ASP A 265 -11.71 -28.02 -16.79
N SER A 266 -11.55 -26.89 -17.51
CA SER A 266 -12.25 -26.62 -18.77
C SER A 266 -11.51 -27.19 -19.99
N LEU A 267 -10.38 -27.87 -19.80
CA LEU A 267 -9.65 -28.50 -20.90
C LEU A 267 -10.25 -29.87 -21.25
N SER A 268 -10.13 -30.16 -22.54
CA SER A 268 -10.36 -31.48 -23.09
C SER A 268 -9.60 -32.52 -22.27
N GLY A 269 -10.25 -33.64 -21.99
CA GLY A 269 -9.57 -34.76 -21.34
C GLY A 269 -9.48 -34.60 -19.82
N ASP A 270 -10.13 -33.61 -19.25
CA ASP A 270 -10.01 -33.42 -17.81
C ASP A 270 -10.71 -34.58 -17.11
N ARG A 271 -10.16 -35.06 -16.00
CA ARG A 271 -10.72 -36.20 -15.33
C ARG A 271 -12.13 -35.92 -14.80
N LEU A 272 -12.43 -34.69 -14.43
CA LEU A 272 -13.76 -34.34 -13.86
C LEU A 272 -14.59 -33.49 -14.86
N GLY A 273 -13.97 -32.69 -15.71
CA GLY A 273 -14.71 -31.75 -16.56
C GLY A 273 -15.10 -32.35 -17.89
N CYS A 274 -16.11 -31.79 -18.56
CA CYS A 274 -16.59 -32.33 -19.83
CA CYS A 274 -16.59 -32.34 -19.83
C CYS A 274 -16.61 -31.26 -20.93
N PHE A 275 -15.67 -30.32 -20.90
CA PHE A 275 -15.43 -29.40 -22.02
C PHE A 275 -14.35 -29.97 -22.95
N ASN A 276 -14.16 -29.31 -24.08
CA ASN A 276 -13.24 -29.83 -25.11
C ASN A 276 -12.31 -28.74 -25.62
N LEU A 277 -11.79 -27.88 -24.71
CA LEU A 277 -10.83 -26.83 -25.07
C LEU A 277 -9.41 -27.41 -25.13
N THR A 278 -8.62 -26.89 -26.05
CA THR A 278 -7.19 -27.14 -26.04
C THR A 278 -6.48 -26.11 -25.15
N VAL A 279 -5.19 -26.36 -24.91
CA VAL A 279 -4.40 -25.37 -24.20
C VAL A 279 -4.40 -24.03 -24.97
N LYS A 280 -4.32 -24.07 -26.31
CA LYS A 280 -4.35 -22.82 -27.10
C LYS A 280 -5.69 -22.10 -26.95
N GLY A 281 -6.78 -22.86 -26.94
CA GLY A 281 -8.11 -22.25 -26.80
C GLY A 281 -8.30 -21.61 -25.45
N HIS A 282 -7.80 -22.24 -24.43
CA HIS A 282 -7.88 -21.74 -23.08
C HIS A 282 -7.01 -20.48 -22.98
N ALA A 283 -5.78 -20.57 -23.48
CA ALA A 283 -4.81 -19.47 -23.37
C ALA A 283 -5.23 -18.26 -24.20
N LYS A 284 -6.05 -18.45 -25.21
CA LYS A 284 -6.56 -17.33 -25.99
C LYS A 284 -7.28 -16.34 -25.05
N CYS A 285 -7.88 -16.84 -24.00
CA CYS A 285 -8.55 -15.98 -23.03
C CYS A 285 -7.55 -15.03 -22.37
N VAL A 286 -6.36 -15.56 -22.02
CA VAL A 286 -5.31 -14.73 -21.45
C VAL A 286 -4.90 -13.68 -22.48
N GLU A 287 -4.68 -14.11 -23.74
CA GLU A 287 -4.27 -13.15 -24.77
C GLU A 287 -5.31 -12.02 -24.92
N VAL A 288 -6.60 -12.37 -24.95
CA VAL A 288 -7.63 -11.34 -25.11
C VAL A 288 -7.59 -10.36 -23.93
N VAL A 289 -7.50 -10.85 -22.72
CA VAL A 289 -7.56 -9.97 -21.56
C VAL A 289 -6.33 -9.04 -21.59
N LYS A 290 -5.16 -9.56 -21.95
CA LYS A 290 -3.93 -8.75 -22.07
C LYS A 290 -4.06 -7.57 -23.05
N THR A 291 -4.84 -7.69 -24.13
CA THR A 291 -4.93 -6.65 -25.11
C THR A 291 -5.48 -5.36 -24.49
N PHE A 292 -6.14 -5.42 -23.34
CA PHE A 292 -6.74 -4.24 -22.73
C PHE A 292 -5.73 -3.45 -21.88
N ASN A 293 -4.52 -3.99 -21.64
CA ASN A 293 -3.42 -3.21 -21.01
C ASN A 293 -3.81 -2.74 -19.62
N LEU A 294 -4.50 -3.59 -18.88
CA LEU A 294 -4.86 -3.27 -17.51
C LEU A 294 -4.04 -4.17 -16.59
N PRO A 295 -3.70 -3.68 -15.41
CA PRO A 295 -3.07 -4.48 -14.36
C PRO A 295 -3.86 -5.80 -14.20
N LEU A 296 -3.19 -6.93 -14.20
CA LEU A 296 -3.83 -8.23 -14.32
C LEU A 296 -3.24 -9.22 -13.32
N LEU A 297 -4.12 -9.79 -12.50
CA LEU A 297 -3.75 -10.89 -11.62
C LEU A 297 -4.29 -12.19 -12.22
N MET A 298 -3.37 -13.09 -12.56
CA MET A 298 -3.73 -14.39 -13.10
C MET A 298 -3.61 -15.45 -12.00
N LEU A 299 -4.69 -16.20 -11.78
CA LEU A 299 -4.76 -17.19 -10.72
C LEU A 299 -5.05 -18.56 -11.32
N GLY A 300 -4.68 -19.57 -10.54
CA GLY A 300 -5.01 -20.93 -10.89
C GLY A 300 -6.48 -21.28 -10.71
N GLY A 301 -6.78 -22.56 -10.48
CA GLY A 301 -8.13 -23.04 -10.39
C GLY A 301 -8.15 -24.55 -10.46
N GLY A 302 -9.22 -25.11 -10.95
CA GLY A 302 -9.31 -26.56 -11.06
C GLY A 302 -8.41 -27.14 -12.14
N GLY A 303 -8.54 -28.44 -12.30
CA GLY A 303 -7.81 -29.22 -13.29
C GLY A 303 -7.28 -30.50 -12.66
N TYR A 304 -7.62 -31.64 -13.25
CA TYR A 304 -7.57 -32.94 -12.59
C TYR A 304 -6.80 -33.94 -13.45
N THR A 305 -6.52 -33.59 -14.71
CA THR A 305 -5.56 -34.35 -15.51
C THR A 305 -4.24 -33.57 -15.43
N ILE A 306 -3.36 -34.02 -14.57
CA ILE A 306 -2.37 -33.05 -14.06
C ILE A 306 -1.31 -32.73 -15.12
N ARG A 307 -0.99 -33.67 -16.02
CA ARG A 307 -0.10 -33.31 -17.12
C ARG A 307 -0.65 -32.12 -17.94
N ASN A 308 -1.95 -32.03 -18.12
CA ASN A 308 -2.54 -31.00 -18.94
C ASN A 308 -2.65 -29.69 -18.17
N VAL A 309 -2.81 -29.76 -16.87
CA VAL A 309 -2.72 -28.58 -15.99
C VAL A 309 -1.33 -27.96 -16.11
N ALA A 310 -0.26 -28.77 -15.98
CA ALA A 310 1.09 -28.25 -16.13
C ALA A 310 1.29 -27.61 -17.50
N ARG A 311 0.83 -28.24 -18.56
CA ARG A 311 0.94 -27.67 -19.91
C ARG A 311 0.24 -26.32 -20.00
N CYS A 312 -0.98 -26.27 -19.50
CA CYS A 312 -1.86 -25.12 -19.63
C CYS A 312 -1.22 -23.89 -18.97
N TRP A 313 -0.83 -24.07 -17.72
CA TRP A 313 -0.33 -22.95 -16.91
C TRP A 313 1.11 -22.58 -17.36
N THR A 314 1.91 -23.54 -17.82
CA THR A 314 3.18 -23.21 -18.41
C THR A 314 2.95 -22.32 -19.66
N TYR A 315 2.05 -22.76 -20.54
CA TYR A 315 1.83 -21.98 -21.76
C TYR A 315 1.27 -20.59 -21.41
N GLU A 316 0.37 -20.52 -20.42
CA GLU A 316 -0.24 -19.23 -20.07
C GLU A 316 0.80 -18.31 -19.42
N THR A 317 1.81 -18.87 -18.75
CA THR A 317 2.90 -18.03 -18.22
C THR A 317 3.67 -17.46 -19.41
N ALA A 318 3.95 -18.30 -20.41
CA ALA A 318 4.61 -17.82 -21.62
C ALA A 318 3.80 -16.72 -22.32
N VAL A 319 2.47 -16.89 -22.38
CA VAL A 319 1.60 -15.87 -22.97
C VAL A 319 1.75 -14.54 -22.19
N ALA A 320 1.68 -14.60 -20.86
CA ALA A 320 1.88 -13.43 -20.03
C ALA A 320 3.21 -12.74 -20.35
N LEU A 321 4.27 -13.49 -20.59
CA LEU A 321 5.61 -12.95 -20.90
C LEU A 321 5.77 -12.61 -22.38
N ASP A 322 4.73 -12.76 -23.20
CA ASP A 322 4.89 -12.59 -24.65
C ASP A 322 6.04 -13.35 -25.32
N CYS A 323 6.18 -14.61 -24.93
CA CYS A 323 7.32 -15.47 -25.22
C CYS A 323 6.72 -16.70 -25.92
N GLU A 324 7.11 -17.04 -27.14
CA GLU A 324 6.63 -18.32 -27.65
C GLU A 324 7.59 -19.36 -27.08
N ILE A 325 7.06 -20.56 -26.90
CA ILE A 325 7.89 -21.64 -26.47
C ILE A 325 7.60 -22.83 -27.40
N PRO A 326 8.59 -23.69 -27.59
CA PRO A 326 8.38 -24.83 -28.48
C PRO A 326 7.39 -25.89 -27.98
N ASN A 327 6.78 -26.58 -28.94
CA ASN A 327 5.83 -27.63 -28.62
C ASN A 327 6.60 -28.83 -28.02
N GLU A 328 7.82 -29.03 -28.44
CA GLU A 328 8.68 -30.10 -27.94
C GLU A 328 8.98 -29.81 -26.47
N LEU A 329 8.54 -30.68 -25.57
CA LEU A 329 8.78 -30.38 -24.15
C LEU A 329 10.27 -30.57 -23.80
N PRO A 330 10.81 -29.67 -22.95
CA PRO A 330 12.13 -29.88 -22.45
C PRO A 330 12.13 -31.03 -21.43
N TYR A 331 13.26 -31.70 -21.31
CA TYR A 331 13.41 -32.63 -20.22
C TYR A 331 13.07 -31.92 -18.89
N ASN A 332 12.45 -32.66 -17.99
CA ASN A 332 12.02 -32.10 -16.71
C ASN A 332 11.86 -33.24 -15.70
N ASP A 333 11.64 -32.87 -14.43
CA ASP A 333 11.57 -33.90 -13.37
C ASP A 333 10.34 -34.81 -13.44
N TYR A 334 9.37 -34.44 -14.29
CA TYR A 334 8.13 -35.17 -14.45
C TYR A 334 7.95 -35.61 -15.91
N PHE A 335 9.04 -35.75 -16.66
CA PHE A 335 8.94 -35.93 -18.11
C PHE A 335 8.01 -37.11 -18.48
N GLU A 336 8.07 -38.23 -17.75
CA GLU A 336 7.29 -39.42 -18.07
C GLU A 336 5.78 -39.14 -18.00
N TYR A 337 5.36 -38.13 -17.24
CA TYR A 337 3.92 -37.73 -17.13
C TYR A 337 3.36 -37.26 -18.48
N PHE A 338 4.21 -36.86 -19.43
CA PHE A 338 3.77 -36.17 -20.63
C PHE A 338 3.77 -37.09 -21.85
N GLY A 339 3.97 -38.38 -21.66
CA GLY A 339 3.77 -39.35 -22.70
C GLY A 339 2.31 -39.42 -23.10
N PRO A 340 2.01 -39.97 -24.26
CA PRO A 340 2.99 -40.63 -25.14
C PRO A 340 3.73 -39.71 -26.13
N ASP A 341 3.32 -38.45 -26.19
CA ASP A 341 3.75 -37.53 -27.24
C ASP A 341 4.86 -36.55 -26.79
N PHE A 342 4.90 -36.22 -25.52
CA PHE A 342 5.91 -35.30 -24.95
C PHE A 342 5.84 -33.93 -25.65
N LYS A 343 4.62 -33.51 -25.99
CA LYS A 343 4.36 -32.15 -26.53
C LYS A 343 3.64 -31.29 -25.49
N LEU A 344 3.77 -29.99 -25.66
CA LEU A 344 3.10 -29.01 -24.84
C LEU A 344 1.60 -28.95 -25.13
N HIS A 345 1.25 -28.93 -26.41
CA HIS A 345 -0.10 -28.69 -26.83
C HIS A 345 -0.89 -30.02 -26.93
N ILE A 346 -2.21 -29.91 -26.76
CA ILE A 346 -3.10 -31.05 -26.73
C ILE A 346 -4.13 -30.94 -27.86
N SER A 347 -4.58 -32.10 -28.30
CA SER A 347 -5.62 -32.20 -29.32
C SER A 347 -6.99 -32.25 -28.64
N PRO A 348 -8.02 -31.75 -29.32
CA PRO A 348 -9.34 -31.96 -28.78
C PRO A 348 -9.78 -33.42 -29.00
N SER A 349 -10.81 -33.83 -28.27
CA SER A 349 -11.42 -35.17 -28.44
C SER A 349 -12.52 -35.12 -29.48
N ASN A 350 -13.12 -36.26 -29.77
CA ASN A 350 -14.21 -36.34 -30.70
C ASN A 350 -15.56 -36.14 -29.99
N MET A 351 -15.59 -35.70 -28.75
CA MET A 351 -16.88 -35.54 -28.04
C MET A 351 -17.76 -34.50 -28.77
N THR A 352 -19.05 -34.73 -28.73
CA THR A 352 -20.02 -33.84 -29.33
C THR A 352 -20.05 -32.51 -28.58
N ASN A 353 -20.08 -31.41 -29.33
CA ASN A 353 -20.32 -30.09 -28.79
C ASN A 353 -21.83 -29.85 -28.66
N GLN A 354 -22.36 -29.92 -27.44
CA GLN A 354 -23.83 -29.74 -27.17
C GLN A 354 -24.22 -28.26 -27.33
N ASN A 355 -23.25 -27.35 -27.43
CA ASN A 355 -23.52 -25.91 -27.58
C ASN A 355 -23.67 -25.55 -29.06
N THR A 356 -24.88 -25.46 -29.53
CA THR A 356 -25.11 -25.13 -30.94
C THR A 356 -24.69 -23.69 -31.22
N PRO A 357 -24.38 -23.36 -32.49
CA PRO A 357 -24.14 -21.95 -32.84
C PRO A 357 -25.26 -21.01 -32.38
N GLU A 358 -26.51 -21.42 -32.57
CA GLU A 358 -27.64 -20.61 -32.26
C GLU A 358 -27.76 -20.43 -30.74
N TYR A 359 -27.49 -21.48 -29.98
CA TYR A 359 -27.52 -21.37 -28.51
C TYR A 359 -26.50 -20.31 -28.05
N MET A 360 -25.28 -20.43 -28.56
CA MET A 360 -24.18 -19.55 -28.14
CA MET A 360 -24.19 -19.54 -28.16
C MET A 360 -24.53 -18.09 -28.48
N GLU A 361 -25.03 -17.84 -29.70
CA GLU A 361 -25.33 -16.44 -30.10
CA GLU A 361 -25.35 -16.47 -30.11
C GLU A 361 -26.54 -15.92 -29.31
N LYS A 362 -27.54 -16.75 -29.03
CA LYS A 362 -28.73 -16.30 -28.28
C LYS A 362 -28.34 -15.88 -26.86
N ILE A 363 -27.51 -16.68 -26.21
CA ILE A 363 -27.05 -16.36 -24.84
C ILE A 363 -26.22 -15.07 -24.88
N LYS A 364 -25.31 -14.96 -25.83
CA LYS A 364 -24.51 -13.75 -26.01
C LYS A 364 -25.42 -12.52 -26.19
N GLN A 365 -26.48 -12.67 -26.96
CA GLN A 365 -27.38 -11.55 -27.23
C GLN A 365 -28.10 -11.14 -25.93
N ARG A 366 -28.51 -12.10 -25.09
CA ARG A 366 -29.12 -11.79 -23.78
C ARG A 366 -28.10 -11.04 -22.91
N LEU A 367 -26.85 -11.51 -22.90
CA LEU A 367 -25.82 -10.84 -22.06
C LEU A 367 -25.52 -9.42 -22.59
N PHE A 368 -25.52 -9.23 -23.92
CA PHE A 368 -25.34 -7.88 -24.48
C PHE A 368 -26.46 -6.98 -24.01
N GLU A 369 -27.70 -7.46 -23.98
CA GLU A 369 -28.84 -6.65 -23.56
C GLU A 369 -28.64 -6.23 -22.10
N ASN A 370 -28.17 -7.12 -21.25
CA ASN A 370 -27.89 -6.76 -19.85
C ASN A 370 -26.74 -5.74 -19.75
N LEU A 371 -25.70 -5.89 -20.57
CA LEU A 371 -24.56 -5.00 -20.45
C LEU A 371 -24.95 -3.59 -20.92
N ARG A 372 -25.88 -3.50 -21.87
CA ARG A 372 -26.34 -2.19 -22.35
C ARG A 372 -27.12 -1.45 -21.25
N MET A 373 -27.49 -2.13 -20.17
CA MET A 373 -28.21 -1.49 -19.06
C MET A 373 -27.22 -0.74 -18.16
N LEU A 374 -25.91 -0.93 -18.32
CA LEU A 374 -24.94 -0.16 -17.50
C LEU A 374 -25.04 1.32 -17.90
N PRO A 375 -24.75 2.24 -16.95
CA PRO A 375 -24.99 3.70 -17.09
C PRO A 375 -24.96 4.24 -18.54
N GLY B 8 33.32 -33.63 6.88
CA GLY B 8 33.12 -33.65 5.39
C GLY B 8 32.61 -32.32 4.85
N LYS B 9 32.31 -32.25 3.55
CA LYS B 9 31.75 -31.04 2.94
C LYS B 9 30.25 -30.97 3.24
N LYS B 10 29.67 -29.77 3.23
CA LYS B 10 28.32 -29.58 3.77
C LYS B 10 27.38 -29.01 2.70
N LYS B 11 26.07 -29.29 2.85
CA LYS B 11 25.08 -28.65 2.00
C LYS B 11 24.80 -27.23 2.51
N VAL B 12 24.81 -26.26 1.60
CA VAL B 12 24.63 -24.86 1.97
C VAL B 12 23.44 -24.28 1.22
N CYS B 13 22.53 -23.66 1.95
CA CYS B 13 21.39 -22.91 1.36
C CYS B 13 21.60 -21.41 1.65
N TYR B 14 21.45 -20.58 0.65
CA TYR B 14 21.78 -19.15 0.69
C TYR B 14 20.55 -18.32 0.31
N TYR B 15 20.27 -17.26 1.09
CA TYR B 15 19.06 -16.42 0.98
C TYR B 15 19.45 -15.03 0.49
N TYR B 16 18.78 -14.61 -0.58
CA TYR B 16 19.05 -13.30 -1.18
C TYR B 16 17.82 -12.82 -1.96
N ASP B 17 17.44 -11.57 -1.67
CA ASP B 17 16.48 -10.89 -2.49
C ASP B 17 17.11 -9.70 -3.21
N GLY B 18 17.04 -9.73 -4.54
CA GLY B 18 17.63 -8.73 -5.45
C GLY B 18 17.18 -7.29 -5.17
N ASP B 19 16.08 -7.12 -4.46
CA ASP B 19 15.58 -5.78 -4.10
C ASP B 19 16.30 -5.16 -2.90
N ILE B 20 17.01 -5.96 -2.13
CA ILE B 20 17.57 -5.54 -0.85
C ILE B 20 18.52 -4.35 -1.05
N GLY B 21 19.27 -4.35 -2.15
CA GLY B 21 20.26 -3.31 -2.43
C GLY B 21 19.68 -1.93 -2.69
N ASN B 22 18.38 -1.83 -2.96
CA ASN B 22 17.71 -0.59 -3.30
C ASN B 22 17.22 0.18 -2.07
N TYR B 23 17.18 -0.43 -0.89
CA TYR B 23 16.78 0.28 0.35
C TYR B 23 17.89 1.25 0.79
N TYR B 24 17.47 2.46 1.16
CA TYR B 24 18.38 3.57 1.30
C TYR B 24 18.10 4.28 2.63
N TYR B 25 19.09 4.26 3.55
CA TYR B 25 18.92 4.82 4.91
C TYR B 25 19.00 6.36 4.87
N GLY B 26 19.43 6.96 3.76
CA GLY B 26 19.42 8.41 3.63
C GLY B 26 20.82 8.99 3.50
N GLN B 27 20.87 10.26 3.13
CA GLN B 27 22.12 10.88 2.74
C GLN B 27 23.07 10.88 3.96
N GLY B 28 24.28 10.38 3.75
CA GLY B 28 25.31 10.40 4.79
C GLY B 28 25.18 9.26 5.78
N HIS B 29 24.09 8.48 5.76
CA HIS B 29 23.98 7.35 6.71
C HIS B 29 24.94 6.24 6.30
N PRO B 30 25.82 5.78 7.22
CA PRO B 30 26.85 4.83 6.83
C PRO B 30 26.36 3.42 6.48
N MET B 31 25.12 3.08 6.83
CA MET B 31 24.61 1.74 6.54
C MET B 31 24.10 1.73 5.08
N LYS B 32 24.71 0.88 4.27
CA LYS B 32 24.44 0.80 2.81
C LYS B 32 23.96 -0.61 2.45
N PRO B 33 22.65 -0.85 2.44
CA PRO B 33 22.16 -2.21 2.04
C PRO B 33 22.69 -2.71 0.69
N HIS B 34 23.10 -1.77 -0.17
CA HIS B 34 23.80 -2.06 -1.45
C HIS B 34 24.98 -3.02 -1.25
N ARG B 35 25.60 -3.02 -0.07
CA ARG B 35 26.75 -3.91 0.16
C ARG B 35 26.34 -5.39 0.05
N ILE B 36 25.06 -5.69 0.27
CA ILE B 36 24.58 -7.07 0.15
C ILE B 36 24.51 -7.48 -1.32
N ARG B 37 24.09 -6.56 -2.19
CA ARG B 37 24.08 -6.80 -3.63
C ARG B 37 25.52 -6.91 -4.16
N MET B 38 26.44 -6.08 -3.67
CA MET B 38 27.84 -6.22 -4.09
C MET B 38 28.37 -7.60 -3.71
N THR B 39 28.05 -8.04 -2.50
CA THR B 39 28.47 -9.34 -2.01
C THR B 39 27.96 -10.43 -2.95
N HIS B 40 26.66 -10.37 -3.23
CA HIS B 40 25.99 -11.35 -4.06
C HIS B 40 26.62 -11.40 -5.46
N ASN B 41 26.79 -10.23 -6.08
CA ASN B 41 27.35 -10.16 -7.43
C ASN B 41 28.78 -10.71 -7.46
N LEU B 42 29.59 -10.41 -6.43
CA LEU B 42 30.96 -10.90 -6.42
C LEU B 42 30.97 -12.43 -6.34
N LEU B 43 30.22 -12.98 -5.42
CA LEU B 43 30.27 -14.43 -5.26
C LEU B 43 29.64 -15.14 -6.46
N LEU B 44 28.64 -14.54 -7.15
CA LEU B 44 28.14 -15.15 -8.39
C LEU B 44 29.26 -15.20 -9.42
N ASN B 45 30.04 -14.14 -9.46
CA ASN B 45 31.07 -14.04 -10.46
C ASN B 45 32.21 -15.01 -10.16
N TYR B 46 32.35 -15.43 -8.91
CA TYR B 46 33.35 -16.48 -8.57
C TYR B 46 32.79 -17.87 -8.90
N GLY B 47 31.51 -17.97 -9.25
CA GLY B 47 30.94 -19.25 -9.61
C GLY B 47 30.35 -20.01 -8.43
N LEU B 48 30.20 -19.38 -7.25
CA LEU B 48 29.78 -20.10 -6.04
C LEU B 48 28.32 -20.56 -6.14
N TYR B 49 27.52 -20.03 -7.06
CA TYR B 49 26.13 -20.48 -7.24
C TYR B 49 26.10 -21.94 -7.75
N ARG B 50 27.20 -22.43 -8.29
CA ARG B 50 27.23 -23.79 -8.83
C ARG B 50 27.19 -24.80 -7.68
N LYS B 51 27.57 -24.38 -6.47
CA LYS B 51 27.83 -25.29 -5.37
C LYS B 51 26.78 -25.14 -4.27
N MET B 52 25.80 -24.24 -4.38
CA MET B 52 24.82 -24.08 -3.29
C MET B 52 23.46 -23.74 -3.87
N GLU B 53 22.42 -23.92 -3.05
CA GLU B 53 21.08 -23.59 -3.47
C GLU B 53 20.82 -22.16 -3.07
N ILE B 54 20.35 -21.34 -4.02
CA ILE B 54 20.04 -19.93 -3.74
C ILE B 54 18.51 -19.79 -3.71
N TYR B 55 17.99 -19.29 -2.60
CA TYR B 55 16.57 -19.08 -2.35
C TYR B 55 16.30 -17.58 -2.16
N ARG B 56 15.15 -17.16 -2.66
CA ARG B 56 14.66 -15.82 -2.36
C ARG B 56 13.79 -15.89 -1.11
N PRO B 57 14.11 -15.13 -0.07
CA PRO B 57 13.36 -15.24 1.19
C PRO B 57 11.93 -14.72 0.96
N HIS B 58 10.96 -15.19 1.75
CA HIS B 58 9.65 -14.59 1.80
C HIS B 58 9.73 -13.31 2.64
N LYS B 59 8.73 -12.47 2.48
CA LYS B 59 8.55 -11.29 3.34
C LYS B 59 7.93 -11.74 4.66
N ALA B 60 8.72 -11.74 5.74
CA ALA B 60 8.22 -12.17 7.06
C ALA B 60 6.99 -11.33 7.45
N THR B 61 5.97 -11.95 8.00
CA THR B 61 4.74 -11.24 8.33
C THR B 61 4.81 -10.62 9.75
N ALA B 62 3.86 -9.75 10.02
CA ALA B 62 3.66 -9.20 11.40
C ALA B 62 3.47 -10.33 12.42
N GLU B 63 2.72 -11.36 12.07
CA GLU B 63 2.59 -12.54 12.93
C GLU B 63 3.97 -13.10 13.25
N GLU B 64 4.81 -13.31 12.24
CA GLU B 64 6.12 -13.89 12.47
C GLU B 64 6.94 -13.00 13.43
N MET B 65 6.88 -11.70 13.21
CA MET B 65 7.71 -10.76 13.96
C MET B 65 7.25 -10.66 15.43
N THR B 66 5.95 -10.81 15.69
CA THR B 66 5.43 -10.69 17.04
C THR B 66 5.63 -11.98 17.85
N LYS B 67 6.30 -12.99 17.28
CA LYS B 67 6.84 -14.08 18.11
C LYS B 67 7.85 -13.54 19.13
N TYR B 68 8.45 -12.38 18.88
CA TYR B 68 9.33 -11.69 19.87
C TYR B 68 8.86 -10.25 20.12
N HIS B 69 8.69 -9.48 19.06
CA HIS B 69 8.42 -8.05 19.23
C HIS B 69 6.99 -7.79 19.66
N SER B 70 6.76 -6.66 20.36
CA SER B 70 5.42 -6.29 20.78
C SER B 70 4.57 -5.88 19.57
N ASP B 71 3.29 -6.19 19.71
CA ASP B 71 2.28 -5.82 18.74
C ASP B 71 2.33 -4.32 18.42
N GLU B 72 2.43 -3.47 19.44
CA GLU B 72 2.38 -2.01 19.26
C GLU B 72 3.59 -1.57 18.42
N TYR B 73 4.76 -2.11 18.70
CA TYR B 73 6.00 -1.70 17.97
C TYR B 73 5.91 -2.16 16.50
N ILE B 74 5.48 -3.40 16.26
CA ILE B 74 5.39 -3.90 14.89
C ILE B 74 4.31 -3.12 14.12
N LYS B 75 3.19 -2.80 14.76
CA LYS B 75 2.14 -2.01 14.10
C LYS B 75 2.70 -0.64 13.71
N PHE B 76 3.49 -0.04 14.60
CA PHE B 76 4.13 1.23 14.27
C PHE B 76 5.06 1.04 13.06
N LEU B 77 5.91 0.02 13.05
CA LEU B 77 6.88 -0.13 11.95
C LEU B 77 6.14 -0.32 10.62
N ARG B 78 5.01 -1.02 10.67
CA ARG B 78 4.14 -1.27 9.49
C ARG B 78 3.48 0.02 8.96
N SER B 79 3.33 1.04 9.80
CA SER B 79 2.52 2.23 9.45
C SER B 79 3.38 3.45 9.10
N ILE B 80 4.53 3.60 9.74
CA ILE B 80 5.33 4.85 9.64
C ILE B 80 5.97 4.96 8.26
N ARG B 81 5.88 6.15 7.68
CA ARG B 81 6.43 6.44 6.36
C ARG B 81 6.95 7.88 6.36
N PRO B 82 7.86 8.22 5.43
CA PRO B 82 8.32 9.62 5.33
C PRO B 82 7.17 10.63 5.19
N ASP B 83 6.12 10.26 4.46
CA ASP B 83 5.01 11.17 4.23
C ASP B 83 4.09 11.38 5.44
N ASN B 84 4.06 10.49 6.43
CA ASN B 84 3.13 10.67 7.60
C ASN B 84 3.92 10.83 8.90
N MET B 85 5.23 10.97 8.76
CA MET B 85 6.20 11.08 9.85
C MET B 85 5.75 12.13 10.87
N SER B 86 5.34 13.28 10.36
CA SER B 86 5.06 14.43 11.20
C SER B 86 3.90 14.14 12.17
N GLU B 87 3.10 13.11 11.90
CA GLU B 87 1.91 12.76 12.71
C GLU B 87 2.27 11.72 13.79
N TYR B 88 3.52 11.25 13.79
CA TYR B 88 3.94 10.14 14.64
C TYR B 88 5.10 10.60 15.55
N SER B 89 5.22 11.89 15.84
CA SER B 89 6.44 12.38 16.54
C SER B 89 6.58 11.68 17.89
N LYS B 90 5.48 11.52 18.60
CA LYS B 90 5.47 10.88 19.93
C LYS B 90 5.97 9.43 19.82
N GLN B 91 5.38 8.70 18.88
CA GLN B 91 5.58 7.27 18.75
C GLN B 91 7.03 7.04 18.28
N MET B 92 7.52 7.93 17.41
CA MET B 92 8.88 7.82 16.94
C MET B 92 9.86 7.84 18.13
N GLN B 93 9.66 8.78 19.05
CA GLN B 93 10.53 8.86 20.24
C GLN B 93 10.38 7.61 21.10
N ARG B 94 9.16 7.15 21.34
CA ARG B 94 8.97 5.96 22.19
C ARG B 94 9.70 4.75 21.59
N PHE B 95 9.72 4.62 20.26
CA PHE B 95 10.28 3.41 19.63
C PHE B 95 11.69 3.64 19.08
N ASN B 96 12.27 4.80 19.37
CA ASN B 96 13.63 5.16 19.01
C ASN B 96 13.84 5.12 17.49
N VAL B 97 12.88 5.66 16.76
CA VAL B 97 13.00 5.77 15.33
C VAL B 97 13.07 7.25 14.93
N GLY B 98 13.81 7.55 13.85
CA GLY B 98 13.85 8.89 13.28
C GLY B 98 15.23 9.53 13.28
N GLU B 99 16.23 8.91 13.92
CA GLU B 99 17.60 9.46 13.98
C GLU B 99 18.56 8.43 13.36
N ASP B 100 19.36 7.71 14.15
CA ASP B 100 20.24 6.71 13.52
C ASP B 100 19.44 5.52 13.01
N CYS B 101 18.19 5.39 13.43
CA CYS B 101 17.24 4.43 12.86
C CYS B 101 16.19 5.22 12.10
N PRO B 102 16.54 5.70 10.90
CA PRO B 102 15.66 6.66 10.26
C PRO B 102 14.40 6.01 9.68
N VAL B 103 13.44 6.84 9.37
CA VAL B 103 12.30 6.42 8.53
C VAL B 103 12.73 6.59 7.07
N PHE B 104 12.78 5.50 6.32
CA PHE B 104 13.06 5.56 4.90
C PHE B 104 11.95 4.83 4.14
N ASP B 105 11.89 5.07 2.83
CA ASP B 105 10.90 4.40 1.99
C ASP B 105 11.20 2.90 1.98
N GLY B 106 10.17 2.12 2.26
CA GLY B 106 10.26 0.67 2.25
C GLY B 106 10.86 0.10 3.52
N LEU B 107 10.97 0.91 4.58
CA LEU B 107 11.55 0.45 5.86
C LEU B 107 10.97 -0.91 6.28
N PHE B 108 9.64 -1.05 6.25
CA PHE B 108 9.05 -2.27 6.76
C PHE B 108 9.44 -3.45 5.85
N GLU B 109 9.44 -3.23 4.53
CA GLU B 109 9.81 -4.30 3.59
C GLU B 109 11.27 -4.73 3.80
N PHE B 110 12.15 -3.78 4.11
CA PHE B 110 13.51 -4.11 4.44
C PHE B 110 13.55 -5.05 5.65
N CYS B 111 12.77 -4.74 6.68
CA CYS B 111 12.68 -5.59 7.85
C CYS B 111 12.15 -6.98 7.47
N GLN B 112 11.15 -7.00 6.62
CA GLN B 112 10.51 -8.28 6.21
C GLN B 112 11.49 -9.19 5.47
N LEU B 113 12.33 -8.64 4.60
CA LEU B 113 13.26 -9.45 3.76
C LEU B 113 14.44 -9.93 4.61
N SER B 114 14.97 -9.02 5.43
CA SER B 114 16.06 -9.33 6.32
CA SER B 114 16.07 -9.34 6.31
C SER B 114 15.65 -10.47 7.25
N THR B 115 14.49 -10.32 7.88
CA THR B 115 13.95 -11.33 8.79
C THR B 115 13.59 -12.61 8.03
N GLY B 116 12.94 -12.50 6.87
CA GLY B 116 12.47 -13.69 6.12
C GLY B 116 13.62 -14.66 5.87
N GLY B 117 14.78 -14.11 5.52
CA GLY B 117 15.93 -14.98 5.22
C GLY B 117 16.42 -15.74 6.44
N SER B 118 16.44 -15.08 7.59
CA SER B 118 16.94 -15.72 8.80
C SER B 118 15.97 -16.82 9.26
N VAL B 119 14.68 -16.50 9.28
CA VAL B 119 13.66 -17.44 9.71
C VAL B 119 13.57 -18.60 8.70
N ALA B 120 13.61 -18.32 7.41
CA ALA B 120 13.52 -19.39 6.40
C ALA B 120 14.73 -20.33 6.55
N GLY B 121 15.88 -19.75 6.78
CA GLY B 121 17.09 -20.55 7.01
C GLY B 121 16.94 -21.45 8.24
N ALA B 122 16.44 -20.91 9.32
CA ALA B 122 16.19 -21.71 10.53
C ALA B 122 15.22 -22.85 10.25
N VAL B 123 14.16 -22.60 9.44
CA VAL B 123 13.17 -23.65 9.18
C VAL B 123 13.86 -24.79 8.41
N LYS B 124 14.71 -24.41 7.47
CA LYS B 124 15.38 -25.37 6.63
C LYS B 124 16.31 -26.24 7.48
N LEU B 125 17.01 -25.63 8.42
CA LEU B 125 17.87 -26.39 9.38
C LEU B 125 17.02 -27.32 10.25
N ASN B 126 15.92 -26.80 10.77
CA ASN B 126 14.98 -27.62 11.56
C ASN B 126 14.52 -28.84 10.78
N ARG B 127 14.25 -28.70 9.46
CA ARG B 127 13.72 -29.79 8.66
C ARG B 127 14.86 -30.70 8.17
N GLN B 128 16.09 -30.41 8.56
CA GLN B 128 17.27 -31.21 8.21
C GLN B 128 17.40 -31.29 6.68
N GLN B 129 17.08 -30.20 6.00
CA GLN B 129 17.21 -30.14 4.55
C GLN B 129 18.51 -29.44 4.16
N THR B 130 19.26 -28.91 5.13
CA THR B 130 20.56 -28.34 4.87
C THR B 130 21.40 -28.48 6.13
N ASP B 131 22.70 -28.37 5.97
CA ASP B 131 23.64 -28.27 7.09
C ASP B 131 23.93 -26.84 7.50
N MET B 132 23.94 -25.94 6.51
CA MET B 132 24.22 -24.55 6.74
C MET B 132 23.23 -23.69 5.96
N ALA B 133 22.77 -22.61 6.58
CA ALA B 133 21.96 -21.62 5.89
C ALA B 133 22.66 -20.28 6.02
N VAL B 134 22.60 -19.46 4.97
CA VAL B 134 23.34 -18.17 4.98
C VAL B 134 22.34 -17.06 4.65
N ASN B 135 22.31 -16.03 5.48
CA ASN B 135 21.52 -14.83 5.18
C ASN B 135 22.35 -13.58 5.42
N TRP B 136 23.06 -13.08 4.40
CA TRP B 136 23.95 -11.94 4.65
C TRP B 136 23.15 -10.64 4.93
N ALA B 137 21.88 -10.59 4.57
CA ALA B 137 21.02 -9.44 4.89
C ALA B 137 20.55 -9.43 6.35
N GLY B 138 20.86 -10.45 7.14
CA GLY B 138 20.46 -10.53 8.54
C GLY B 138 21.55 -10.06 9.50
N GLY B 139 21.38 -10.43 10.77
CA GLY B 139 22.33 -10.13 11.81
C GLY B 139 22.02 -8.84 12.56
N LEU B 140 20.75 -8.43 12.65
CA LEU B 140 20.40 -7.12 13.23
C LEU B 140 20.30 -7.19 14.78
N HIS B 141 21.47 -7.33 15.41
CA HIS B 141 21.58 -7.82 16.77
C HIS B 141 21.14 -6.77 17.82
N HIS B 142 20.95 -5.50 17.45
CA HIS B 142 20.63 -4.46 18.46
C HIS B 142 19.13 -4.27 18.65
N ALA B 143 18.27 -4.77 17.73
CA ALA B 143 16.84 -4.47 17.84
C ALA B 143 16.29 -5.09 19.14
N LYS B 144 15.44 -4.34 19.83
CA LYS B 144 14.86 -4.78 21.09
C LYS B 144 13.37 -5.12 20.93
N LYS B 145 12.78 -5.70 21.96
CA LYS B 145 11.39 -6.17 21.89
C LYS B 145 10.45 -5.05 21.39
N SER B 146 10.63 -3.85 21.93
CA SER B 146 9.72 -2.76 21.65
C SER B 146 10.47 -1.46 21.26
N GLU B 147 11.68 -1.56 20.72
CA GLU B 147 12.30 -0.37 20.17
C GLU B 147 13.44 -0.73 19.22
N ALA B 148 13.65 0.17 18.28
CA ALA B 148 14.78 0.12 17.37
C ALA B 148 16.03 0.55 18.12
N SER B 149 17.18 0.12 17.64
CA SER B 149 18.46 0.58 18.19
C SER B 149 19.57 0.33 17.16
N GLY B 150 20.49 1.30 17.02
CA GLY B 150 21.74 1.09 16.32
C GLY B 150 21.54 0.55 14.91
N PHE B 151 20.61 1.20 14.20
CA PHE B 151 20.29 0.98 12.78
C PHE B 151 19.37 -0.23 12.60
N CYS B 152 19.00 -0.89 13.69
CA CYS B 152 18.31 -2.20 13.63
C CYS B 152 16.85 -1.99 14.06
N TYR B 153 15.88 -2.54 13.33
CA TYR B 153 14.48 -2.37 13.74
C TYR B 153 13.87 -3.69 14.22
N VAL B 154 14.11 -4.77 13.45
CA VAL B 154 13.53 -6.06 13.78
C VAL B 154 14.69 -7.05 14.00
N ASN B 155 14.66 -7.76 15.13
CA ASN B 155 15.73 -8.64 15.49
C ASN B 155 15.53 -10.01 14.82
N ASP B 156 16.00 -10.12 13.59
CA ASP B 156 15.92 -11.34 12.81
C ASP B 156 16.60 -12.51 13.51
N ILE B 157 17.65 -12.22 14.29
CA ILE B 157 18.44 -13.25 14.98
C ILE B 157 17.59 -13.91 16.07
N VAL B 158 16.97 -13.09 16.89
CA VAL B 158 16.12 -13.60 17.94
C VAL B 158 14.98 -14.46 17.34
N LEU B 159 14.38 -14.00 16.25
CA LEU B 159 13.28 -14.71 15.61
C LEU B 159 13.76 -16.05 15.08
N ALA B 160 14.93 -16.06 14.48
CA ALA B 160 15.51 -17.28 13.94
C ALA B 160 15.82 -18.28 15.07
N ILE B 161 16.31 -17.75 16.18
CA ILE B 161 16.65 -18.64 17.32
C ILE B 161 15.36 -19.24 17.91
N LEU B 162 14.30 -18.44 18.05
CA LEU B 162 13.02 -18.94 18.52
C LEU B 162 12.53 -20.06 17.58
N GLU B 163 12.75 -19.90 16.27
CA GLU B 163 12.42 -20.95 15.31
C GLU B 163 13.22 -22.22 15.64
N LEU B 164 14.52 -22.08 15.81
CA LEU B 164 15.38 -23.24 16.11
C LEU B 164 14.97 -23.93 17.43
N LEU B 165 14.58 -23.15 18.44
CA LEU B 165 14.19 -23.71 19.74
C LEU B 165 12.94 -24.60 19.66
N LYS B 166 12.18 -24.57 18.57
CA LYS B 166 11.10 -25.54 18.42
C LYS B 166 11.62 -26.97 18.31
N TYR B 167 12.84 -27.18 17.79
CA TYR B 167 13.39 -28.53 17.55
C TYR B 167 14.68 -28.78 18.34
N HIS B 168 15.30 -27.73 18.89
CA HIS B 168 16.62 -27.80 19.49
C HIS B 168 16.54 -27.36 20.96
N GLN B 169 16.92 -28.22 21.89
CA GLN B 169 16.79 -27.87 23.32
C GLN B 169 17.77 -26.74 23.67
N ARG B 170 18.96 -26.74 23.05
CA ARG B 170 20.02 -25.75 23.33
C ARG B 170 20.59 -25.17 22.04
N VAL B 171 20.55 -23.84 21.95
CA VAL B 171 21.07 -23.13 20.79
C VAL B 171 22.19 -22.19 21.25
N LEU B 172 23.29 -22.24 20.51
CA LEU B 172 24.46 -21.37 20.73
C LEU B 172 24.48 -20.23 19.71
N TYR B 173 24.60 -19.02 20.22
CA TYR B 173 24.71 -17.80 19.43
C TYR B 173 26.11 -17.22 19.61
N ILE B 174 26.81 -16.93 18.50
CA ILE B 174 28.18 -16.40 18.52
C ILE B 174 28.17 -15.14 17.65
N ASP B 175 28.78 -14.05 18.14
CA ASP B 175 28.70 -12.75 17.50
C ASP B 175 30.08 -12.11 17.38
N ILE B 176 30.61 -11.99 16.17
CA ILE B 176 31.95 -11.44 15.92
C ILE B 176 31.89 -10.05 15.29
N ASP B 177 30.69 -9.47 15.23
CA ASP B 177 30.54 -8.02 14.99
C ASP B 177 31.43 -7.25 16.00
N ILE B 178 31.96 -6.10 15.63
CA ILE B 178 32.75 -5.29 16.58
C ILE B 178 31.87 -4.82 17.76
N HIS B 179 30.53 -4.77 17.57
CA HIS B 179 29.59 -4.29 18.63
C HIS B 179 29.04 -5.46 19.43
N HIS B 180 28.77 -5.20 20.70
CA HIS B 180 28.13 -6.19 21.54
C HIS B 180 26.73 -6.53 20.99
N GLY B 181 26.43 -7.81 20.92
CA GLY B 181 25.11 -8.30 20.51
C GLY B 181 24.08 -8.17 21.62
N ASP B 182 23.77 -6.94 21.98
CA ASP B 182 22.98 -6.66 23.16
C ASP B 182 21.54 -7.10 23.03
N GLY B 183 20.94 -6.93 21.85
CA GLY B 183 19.53 -7.30 21.69
C GLY B 183 19.31 -8.80 21.80
N VAL B 184 20.24 -9.57 21.27
CA VAL B 184 20.14 -11.03 21.34
C VAL B 184 20.41 -11.49 22.77
N GLU B 185 21.45 -10.97 23.40
CA GLU B 185 21.75 -11.27 24.81
C GLU B 185 20.54 -10.99 25.71
N GLU B 186 19.92 -9.82 25.54
CA GLU B 186 18.80 -9.38 26.38
C GLU B 186 17.62 -10.36 26.22
N ALA B 187 17.27 -10.70 24.97
CA ALA B 187 16.14 -11.60 24.72
C ALA B 187 16.26 -12.91 25.52
N PHE B 188 17.48 -13.42 25.64
CA PHE B 188 17.71 -14.77 26.19
C PHE B 188 18.45 -14.74 27.53
N TYR B 189 18.46 -13.57 28.18
CA TYR B 189 19.37 -13.33 29.30
C TYR B 189 18.99 -14.23 30.50
N THR B 190 17.72 -14.63 30.60
CA THR B 190 17.26 -15.35 31.75
C THR B 190 16.90 -16.79 31.38
N THR B 191 17.44 -17.32 30.27
CA THR B 191 17.20 -18.72 29.92
C THR B 191 18.53 -19.43 29.65
N ASP B 192 18.57 -20.73 29.96
CA ASP B 192 19.70 -21.58 29.65
C ASP B 192 19.54 -22.27 28.28
N ARG B 193 18.43 -22.02 27.60
CA ARG B 193 18.15 -22.67 26.30
C ARG B 193 18.89 -22.00 25.14
N VAL B 194 19.43 -20.83 25.38
CA VAL B 194 20.31 -20.17 24.42
C VAL B 194 21.51 -19.64 25.19
N MET B 195 22.70 -20.01 24.75
CA MET B 195 23.90 -19.39 25.28
C MET B 195 24.34 -18.33 24.26
N THR B 196 24.54 -17.09 24.70
CA THR B 196 25.02 -16.04 23.83
C THR B 196 26.49 -15.73 24.17
N VAL B 197 27.30 -15.66 23.13
CA VAL B 197 28.72 -15.39 23.19
C VAL B 197 29.08 -14.25 22.24
N SER B 198 29.46 -13.11 22.80
CA SER B 198 29.79 -11.96 21.99
C SER B 198 31.26 -11.55 22.23
N PHE B 199 32.01 -11.37 21.14
CA PHE B 199 33.34 -10.75 21.16
C PHE B 199 33.15 -9.32 20.65
N HIS B 200 33.61 -8.28 21.34
CA HIS B 200 33.30 -6.90 20.88
C HIS B 200 34.25 -5.89 21.52
N LYS B 201 34.38 -4.76 20.86
CA LYS B 201 35.04 -3.62 21.45
C LYS B 201 34.22 -3.13 22.66
N TYR B 202 34.93 -2.82 23.71
CA TYR B 202 34.30 -2.43 24.97
C TYR B 202 35.10 -1.31 25.63
N GLY B 203 34.38 -0.31 26.15
CA GLY B 203 34.97 0.84 26.79
C GLY B 203 34.36 2.11 26.24
N GLU B 204 33.26 2.55 26.83
CA GLU B 204 32.48 3.69 26.29
C GLU B 204 32.42 3.59 24.76
N TYR B 205 31.99 2.44 24.27
CA TYR B 205 31.76 2.22 22.84
C TYR B 205 30.33 1.69 22.68
N PHE B 206 29.65 2.01 21.57
CA PHE B 206 28.28 1.56 21.36
C PHE B 206 28.23 0.03 21.44
N PRO B 207 27.25 -0.58 22.11
CA PRO B 207 26.12 0.06 22.80
C PRO B 207 26.33 0.35 24.29
N GLY B 208 27.50 0.05 24.83
CA GLY B 208 27.79 0.39 26.22
C GLY B 208 27.68 -0.81 27.13
N THR B 209 27.25 -1.94 26.59
CA THR B 209 26.97 -3.14 27.34
C THR B 209 28.01 -4.21 26.96
N GLY B 210 27.89 -5.40 27.52
CA GLY B 210 28.82 -6.48 27.18
C GLY B 210 30.06 -6.47 28.06
N ASP B 211 29.92 -6.06 29.32
CA ASP B 211 31.01 -6.21 30.29
C ASP B 211 31.27 -7.70 30.51
N LEU B 212 32.53 -8.05 30.77
CA LEU B 212 32.99 -9.39 31.23
C LEU B 212 32.06 -9.93 32.32
N ARG B 213 31.62 -9.03 33.22
CA ARG B 213 30.89 -9.45 34.42
C ARG B 213 29.38 -9.61 34.15
N ASP B 214 28.91 -9.31 32.95
CA ASP B 214 27.54 -9.59 32.56
C ASP B 214 27.45 -11.05 32.07
N ILE B 215 26.85 -11.92 32.91
CA ILE B 215 26.93 -13.35 32.69
C ILE B 215 25.56 -14.01 32.63
N GLY B 216 24.46 -13.24 32.64
CA GLY B 216 23.12 -13.79 32.64
C GLY B 216 22.45 -13.69 34.00
N ALA B 217 21.18 -14.06 34.09
CA ALA B 217 20.46 -13.95 35.35
C ALA B 217 19.44 -15.08 35.46
N GLY B 218 19.10 -15.45 36.70
CA GLY B 218 18.13 -16.49 36.95
C GLY B 218 18.62 -17.78 36.31
N LYS B 219 17.73 -18.50 35.63
CA LYS B 219 18.10 -19.76 34.98
C LYS B 219 19.19 -19.53 33.92
N GLY B 220 19.29 -18.31 33.38
CA GLY B 220 20.32 -17.96 32.39
C GLY B 220 21.66 -17.56 33.00
N LYS B 221 21.82 -17.61 34.33
CA LYS B 221 23.14 -17.23 34.92
C LYS B 221 24.20 -18.21 34.39
N TYR B 222 25.30 -17.65 33.87
CA TYR B 222 26.42 -18.33 33.23
C TYR B 222 26.12 -18.65 31.75
N TYR B 223 24.97 -18.25 31.22
CA TYR B 223 24.65 -18.56 29.80
C TYR B 223 24.72 -17.31 28.91
N ALA B 224 25.31 -16.22 29.41
CA ALA B 224 25.77 -15.12 28.59
C ALA B 224 27.27 -14.99 28.81
N VAL B 225 28.00 -14.85 27.69
CA VAL B 225 29.44 -14.78 27.70
C VAL B 225 29.86 -13.56 26.88
N ASN B 226 30.67 -12.71 27.51
CA ASN B 226 31.11 -11.47 26.88
C ASN B 226 32.63 -11.37 26.92
N PHE B 227 33.25 -11.18 25.76
CA PHE B 227 34.69 -11.00 25.67
C PHE B 227 34.98 -9.55 25.25
N PRO B 228 35.23 -8.68 26.26
CA PRO B 228 35.55 -7.28 25.93
C PRO B 228 36.98 -7.11 25.40
N MET B 229 37.11 -6.35 24.32
CA MET B 229 38.38 -6.07 23.62
C MET B 229 38.62 -4.55 23.45
N ARG B 230 39.88 -4.21 23.28
CA ARG B 230 40.31 -2.87 22.97
C ARG B 230 40.54 -2.68 21.47
N ASP B 231 40.78 -1.42 21.07
CA ASP B 231 41.15 -1.09 19.68
C ASP B 231 42.31 -1.90 19.15
N GLY B 232 42.26 -2.24 17.86
CA GLY B 232 43.45 -2.68 17.14
C GLY B 232 43.71 -4.17 17.19
N ILE B 233 42.74 -4.95 17.66
CA ILE B 233 42.96 -6.39 17.71
C ILE B 233 43.26 -6.94 16.30
N ASP B 234 44.14 -7.93 16.26
CA ASP B 234 44.67 -8.42 15.00
C ASP B 234 44.38 -9.90 14.90
N ASP B 235 44.77 -10.49 13.77
CA ASP B 235 44.37 -11.89 13.47
C ASP B 235 44.94 -12.86 14.52
N GLU B 236 46.18 -12.62 14.88
CA GLU B 236 46.87 -13.51 15.82
C GLU B 236 46.22 -13.42 17.21
N SER B 237 45.97 -12.22 17.74
CA SER B 237 45.32 -12.06 19.08
C SER B 237 43.92 -12.66 19.09
N TYR B 238 43.14 -12.43 18.04
CA TYR B 238 41.75 -12.94 18.00
C TYR B 238 41.78 -14.47 17.93
N GLY B 239 42.63 -15.00 17.06
CA GLY B 239 42.78 -16.44 16.92
C GLY B 239 43.31 -17.10 18.18
N GLN B 240 44.12 -16.39 18.98
CA GLN B 240 44.66 -16.83 20.31
C GLN B 240 43.47 -17.25 21.19
N ILE B 241 42.31 -16.60 21.09
CA ILE B 241 41.26 -16.82 22.07
C ILE B 241 39.99 -17.40 21.45
N PHE B 242 39.73 -17.25 20.17
CA PHE B 242 38.38 -17.60 19.68
C PHE B 242 38.19 -19.13 19.75
N LYS B 243 39.12 -19.89 19.21
CA LYS B 243 38.99 -21.35 19.18
C LYS B 243 38.92 -21.95 20.59
N PRO B 244 39.87 -21.59 21.49
CA PRO B 244 39.73 -22.10 22.86
C PRO B 244 38.41 -21.75 23.54
N ILE B 245 37.88 -20.55 23.38
CA ILE B 245 36.63 -20.16 24.00
CA ILE B 245 36.62 -20.21 24.04
C ILE B 245 35.48 -20.99 23.38
N ILE B 246 35.42 -21.03 22.07
CA ILE B 246 34.31 -21.77 21.41
C ILE B 246 34.42 -23.26 21.73
N SER B 247 35.64 -23.82 21.77
CA SER B 247 35.79 -25.25 22.12
C SER B 247 35.25 -25.53 23.53
N LYS B 248 35.52 -24.62 24.47
CA LYS B 248 35.11 -24.84 25.84
C LYS B 248 33.59 -24.71 25.94
N VAL B 249 33.05 -23.73 25.23
CA VAL B 249 31.62 -23.51 25.20
C VAL B 249 30.92 -24.77 24.64
N MET B 250 31.44 -25.27 23.53
CA MET B 250 30.88 -26.49 22.90
C MET B 250 30.92 -27.66 23.89
N GLU B 251 32.05 -27.85 24.55
CA GLU B 251 32.25 -28.95 25.50
C GLU B 251 31.24 -28.86 26.66
N MET B 252 31.05 -27.68 27.23
CA MET B 252 30.30 -27.52 28.46
C MET B 252 28.82 -27.34 28.15
N TYR B 253 28.47 -26.67 27.06
CA TYR B 253 27.08 -26.33 26.74
C TYR B 253 26.43 -27.38 25.81
N GLN B 254 27.21 -27.97 24.92
CA GLN B 254 26.74 -29.02 24.02
C GLN B 254 25.44 -28.60 23.30
N PRO B 255 25.51 -27.53 22.52
CA PRO B 255 24.34 -27.05 21.76
C PRO B 255 24.02 -28.03 20.63
N SER B 256 22.79 -28.04 20.10
CA SER B 256 22.51 -28.86 18.90
C SER B 256 22.35 -28.00 17.65
N ALA B 257 22.42 -26.66 17.77
CA ALA B 257 22.40 -25.76 16.63
C ALA B 257 23.16 -24.48 16.99
N VAL B 258 23.67 -23.80 15.98
CA VAL B 258 24.49 -22.61 16.15
C VAL B 258 24.04 -21.53 15.19
N VAL B 259 24.02 -20.31 15.72
CA VAL B 259 23.81 -19.11 14.91
C VAL B 259 25.06 -18.25 15.05
N LEU B 260 25.68 -17.88 13.92
CA LEU B 260 26.90 -17.07 13.91
C LEU B 260 26.66 -15.78 13.16
N GLN B 261 26.75 -14.67 13.89
CA GLN B 261 26.65 -13.32 13.35
C GLN B 261 28.07 -12.92 12.89
N CYS B 262 28.20 -12.66 11.59
CA CYS B 262 29.49 -12.44 10.93
C CYS B 262 29.73 -10.96 10.59
N GLY B 263 29.28 -10.05 11.44
CA GLY B 263 29.44 -8.63 11.19
C GLY B 263 30.88 -8.31 10.83
N ALA B 264 31.03 -7.56 9.72
CA ALA B 264 32.29 -7.27 9.07
C ALA B 264 32.85 -5.91 9.52
N ASP B 265 32.22 -5.28 10.51
CA ASP B 265 32.73 -4.03 11.06
C ASP B 265 33.95 -4.27 11.99
N SER B 266 34.31 -5.54 12.20
CA SER B 266 35.51 -5.95 12.92
C SER B 266 36.73 -6.11 12.00
N LEU B 267 36.61 -5.85 10.68
CA LEU B 267 37.76 -5.80 9.76
C LEU B 267 38.55 -4.49 9.85
N SER B 268 39.84 -4.69 9.65
CA SER B 268 40.81 -3.65 9.30
C SER B 268 40.24 -2.70 8.24
N GLY B 269 40.43 -1.40 8.47
CA GLY B 269 40.04 -0.38 7.49
C GLY B 269 38.54 -0.06 7.50
N ASP B 270 37.77 -0.56 8.46
CA ASP B 270 36.33 -0.26 8.47
C ASP B 270 36.13 1.22 8.75
N ARG B 271 35.15 1.84 8.12
CA ARG B 271 34.92 3.28 8.28
C ARG B 271 34.52 3.64 9.72
N LEU B 272 33.88 2.73 10.43
CA LEU B 272 33.31 3.02 11.76
C LEU B 272 34.09 2.25 12.83
N GLY B 273 34.59 1.08 12.51
CA GLY B 273 35.21 0.19 13.51
C GLY B 273 36.70 0.42 13.63
N CYS B 274 37.30 0.01 14.74
CA CYS B 274 38.73 0.25 14.97
CA CYS B 274 38.73 0.25 14.97
C CYS B 274 39.44 -1.06 15.32
N PHE B 275 38.96 -2.18 14.77
CA PHE B 275 39.71 -3.46 14.86
C PHE B 275 40.64 -3.58 13.65
N ASN B 276 41.50 -4.60 13.65
CA ASN B 276 42.52 -4.77 12.62
C ASN B 276 42.54 -6.21 12.10
N LEU B 277 41.40 -6.85 11.98
CA LEU B 277 41.34 -8.23 11.41
C LEU B 277 41.38 -8.17 9.87
N THR B 278 42.01 -9.17 9.26
CA THR B 278 41.90 -9.39 7.83
C THR B 278 40.68 -10.28 7.53
N VAL B 279 40.36 -10.45 6.25
CA VAL B 279 39.29 -11.35 5.86
C VAL B 279 39.63 -12.80 6.26
N LYS B 280 40.87 -13.20 6.12
CA LYS B 280 41.30 -14.52 6.56
C LYS B 280 41.10 -14.67 8.07
N GLY B 281 41.46 -13.65 8.84
CA GLY B 281 41.34 -13.79 10.29
C GLY B 281 39.89 -13.84 10.75
N HIS B 282 39.03 -13.06 10.10
CA HIS B 282 37.59 -13.07 10.36
C HIS B 282 37.02 -14.44 10.00
N ALA B 283 37.39 -14.93 8.83
CA ALA B 283 36.82 -16.17 8.29
C ALA B 283 37.30 -17.40 9.08
N LYS B 284 38.44 -17.31 9.77
CA LYS B 284 38.91 -18.38 10.65
C LYS B 284 37.80 -18.70 11.66
N CYS B 285 37.04 -17.70 12.09
CA CYS B 285 35.95 -17.91 13.04
C CYS B 285 34.90 -18.84 12.43
N VAL B 286 34.57 -18.62 11.15
CA VAL B 286 33.61 -19.48 10.47
C VAL B 286 34.17 -20.91 10.39
N GLU B 287 35.44 -21.03 10.02
CA GLU B 287 36.09 -22.33 9.93
C GLU B 287 36.02 -23.07 11.29
N VAL B 288 36.33 -22.37 12.38
CA VAL B 288 36.30 -22.98 13.72
C VAL B 288 34.87 -23.49 14.03
N VAL B 289 33.85 -22.67 13.79
CA VAL B 289 32.49 -23.06 14.15
C VAL B 289 32.07 -24.25 13.28
N LYS B 290 32.35 -24.16 12.01
CA LYS B 290 31.99 -25.20 11.04
C LYS B 290 32.57 -26.58 11.44
N THR B 291 33.74 -26.63 12.10
CA THR B 291 34.39 -27.92 12.39
CA THR B 291 34.38 -27.88 12.41
C THR B 291 33.53 -28.71 13.39
N PHE B 292 32.64 -28.07 14.14
CA PHE B 292 31.85 -28.78 15.15
C PHE B 292 30.72 -29.59 14.52
N ASN B 293 30.46 -29.35 13.22
CA ASN B 293 29.53 -30.17 12.45
C ASN B 293 28.13 -30.09 13.06
N LEU B 294 27.68 -28.90 13.44
CA LEU B 294 26.32 -28.72 13.92
C LEU B 294 25.56 -27.90 12.89
N PRO B 295 24.24 -28.06 12.84
CA PRO B 295 23.40 -27.16 12.04
C PRO B 295 23.77 -25.71 12.32
N LEU B 296 24.06 -24.93 11.25
CA LEU B 296 24.65 -23.61 11.43
C LEU B 296 23.91 -22.60 10.55
N LEU B 297 23.42 -21.52 11.19
CA LEU B 297 22.88 -20.37 10.49
C LEU B 297 23.92 -19.26 10.54
N MET B 298 24.41 -18.86 9.37
CA MET B 298 25.39 -17.78 9.26
C MET B 298 24.69 -16.49 8.80
N LEU B 299 24.86 -15.44 9.58
CA LEU B 299 24.19 -14.18 9.31
C LEU B 299 25.21 -13.04 9.09
N GLY B 300 24.73 -11.98 8.43
CA GLY B 300 25.51 -10.77 8.24
C GLY B 300 25.57 -9.97 9.53
N GLY B 301 25.74 -8.66 9.37
CA GLY B 301 26.04 -7.76 10.48
C GLY B 301 26.52 -6.42 9.95
N GLY B 302 27.29 -5.72 10.78
CA GLY B 302 27.78 -4.46 10.37
C GLY B 302 28.85 -4.58 9.30
N GLY B 303 29.40 -3.44 8.95
CA GLY B 303 30.48 -3.32 7.95
C GLY B 303 30.21 -2.12 7.07
N TYR B 304 31.17 -1.17 7.02
CA TYR B 304 30.95 0.19 6.48
C TYR B 304 31.95 0.54 5.36
N THR B 305 33.00 -0.25 5.19
CA THR B 305 33.88 -0.15 4.02
C THR B 305 33.38 -1.22 3.05
N ILE B 306 32.56 -0.84 2.08
CA ILE B 306 31.64 -1.86 1.53
C ILE B 306 32.39 -2.83 0.64
N ARG B 307 33.47 -2.41 0.01
CA ARG B 307 34.37 -3.32 -0.74
C ARG B 307 34.87 -4.47 0.15
N ASN B 308 35.22 -4.17 1.40
CA ASN B 308 35.75 -5.20 2.30
C ASN B 308 34.62 -6.09 2.85
N VAL B 309 33.42 -5.55 3.00
CA VAL B 309 32.26 -6.34 3.36
C VAL B 309 32.02 -7.39 2.29
N ALA B 310 32.01 -6.96 1.02
CA ALA B 310 31.76 -7.88 -0.10
C ALA B 310 32.84 -8.98 -0.14
N ARG B 311 34.09 -8.60 0.07
CA ARG B 311 35.20 -9.55 0.10
C ARG B 311 35.00 -10.57 1.22
N CYS B 312 34.65 -10.07 2.40
CA CYS B 312 34.57 -10.87 3.60
C CYS B 312 33.47 -11.93 3.46
N TRP B 313 32.29 -11.50 3.07
CA TRP B 313 31.17 -12.43 3.03
C TRP B 313 31.26 -13.35 1.80
N THR B 314 31.89 -12.89 0.74
CA THR B 314 32.21 -13.80 -0.39
C THR B 314 33.14 -14.91 0.10
N TYR B 315 34.21 -14.52 0.79
CA TYR B 315 35.17 -15.52 1.25
C TYR B 315 34.51 -16.49 2.24
N GLU B 316 33.69 -15.95 3.12
CA GLU B 316 33.05 -16.77 4.12
C GLU B 316 32.00 -17.71 3.48
N THR B 317 31.36 -17.33 2.37
CA THR B 317 30.52 -18.25 1.60
C THR B 317 31.37 -19.42 1.06
N ALA B 318 32.53 -19.07 0.50
CA ALA B 318 33.48 -20.06 -0.03
C ALA B 318 33.95 -21.00 1.09
N VAL B 319 34.20 -20.45 2.27
CA VAL B 319 34.57 -21.28 3.43
C VAL B 319 33.44 -22.24 3.79
N ALA B 320 32.19 -21.75 3.85
CA ALA B 320 31.06 -22.61 4.15
C ALA B 320 31.02 -23.78 3.17
N LEU B 321 31.34 -23.50 1.91
CA LEU B 321 31.32 -24.49 0.81
C LEU B 321 32.58 -25.33 0.71
N ASP B 322 33.59 -25.10 1.54
CA ASP B 322 34.92 -25.70 1.35
C ASP B 322 35.42 -25.56 -0.08
N CYS B 323 35.24 -24.39 -0.64
CA CYS B 323 35.54 -24.11 -2.04
C CYS B 323 36.69 -23.10 -2.09
N GLU B 324 37.81 -23.52 -2.67
CA GLU B 324 38.98 -22.65 -2.78
C GLU B 324 38.70 -21.65 -3.91
N ILE B 325 38.90 -20.35 -3.65
CA ILE B 325 38.74 -19.32 -4.71
C ILE B 325 40.03 -18.50 -4.81
N PRO B 326 40.38 -18.10 -6.02
CA PRO B 326 41.58 -17.33 -6.26
C PRO B 326 41.51 -15.93 -5.65
N ASN B 327 42.70 -15.42 -5.35
CA ASN B 327 42.86 -14.10 -4.75
C ASN B 327 42.52 -13.04 -5.80
N GLU B 328 42.77 -13.35 -7.07
CA GLU B 328 42.50 -12.41 -8.16
C GLU B 328 40.98 -12.31 -8.31
N LEU B 329 40.41 -11.09 -8.15
CA LEU B 329 38.97 -10.95 -8.23
C LEU B 329 38.49 -11.15 -9.68
N PRO B 330 37.37 -11.85 -9.84
CA PRO B 330 36.77 -11.97 -11.15
C PRO B 330 36.09 -10.63 -11.54
N TYR B 331 35.96 -10.37 -12.84
CA TYR B 331 35.19 -9.20 -13.25
C TYR B 331 33.79 -9.29 -12.63
N ASN B 332 33.19 -8.15 -12.36
CA ASN B 332 31.87 -8.09 -11.71
C ASN B 332 31.30 -6.68 -11.89
N ASP B 333 30.03 -6.50 -11.55
CA ASP B 333 29.33 -5.21 -11.79
C ASP B 333 29.89 -4.04 -10.93
N TYR B 334 30.73 -4.34 -9.94
CA TYR B 334 31.24 -3.39 -8.96
C TYR B 334 32.75 -3.38 -8.94
N PHE B 335 33.35 -3.81 -10.05
CA PHE B 335 34.77 -4.12 -10.07
C PHE B 335 35.61 -2.92 -9.63
N GLU B 336 35.23 -1.70 -10.04
CA GLU B 336 35.96 -0.47 -9.68
C GLU B 336 35.99 -0.24 -8.16
N TYR B 337 35.10 -0.84 -7.41
CA TYR B 337 35.10 -0.57 -5.96
C TYR B 337 36.27 -1.29 -5.29
N PHE B 338 36.84 -2.27 -6.01
CA PHE B 338 37.87 -3.17 -5.42
C PHE B 338 39.28 -2.71 -5.79
N GLY B 339 39.41 -1.54 -6.41
CA GLY B 339 40.73 -0.99 -6.64
C GLY B 339 41.37 -0.53 -5.33
N PRO B 340 42.68 -0.28 -5.35
CA PRO B 340 43.51 -0.29 -6.54
C PRO B 340 44.14 -1.66 -6.91
N ASP B 341 43.92 -2.63 -6.06
CA ASP B 341 44.54 -3.96 -6.14
C ASP B 341 43.69 -5.03 -6.86
N PHE B 342 42.36 -4.98 -6.75
CA PHE B 342 41.41 -5.96 -7.32
C PHE B 342 41.73 -7.39 -6.87
N LYS B 343 42.05 -7.52 -5.59
CA LYS B 343 42.27 -8.81 -4.95
C LYS B 343 41.22 -9.05 -3.87
N LEU B 344 41.05 -10.31 -3.51
CA LEU B 344 40.06 -10.70 -2.49
C LEU B 344 40.53 -10.36 -1.09
N HIS B 345 41.80 -10.66 -0.78
CA HIS B 345 42.29 -10.55 0.59
C HIS B 345 42.82 -9.13 0.85
N ILE B 346 42.85 -8.75 2.12
CA ILE B 346 43.22 -7.42 2.54
C ILE B 346 44.40 -7.51 3.51
N SER B 347 45.15 -6.42 3.64
CA SER B 347 46.25 -6.30 4.61
C SER B 347 45.76 -5.63 5.89
N PRO B 348 46.37 -5.99 7.03
CA PRO B 348 46.12 -5.23 8.24
C PRO B 348 46.75 -3.84 8.10
N SER B 349 46.27 -2.89 8.87
CA SER B 349 46.91 -1.60 8.96
C SER B 349 48.03 -1.66 10.02
N ASN B 350 48.79 -0.57 10.18
CA ASN B 350 49.87 -0.58 11.20
C ASN B 350 49.36 0.05 12.50
N MET B 351 48.05 0.10 12.71
CA MET B 351 47.50 0.65 13.95
C MET B 351 48.00 -0.20 15.12
N THR B 352 48.14 0.42 16.28
CA THR B 352 48.54 -0.30 17.48
C THR B 352 47.42 -1.24 17.96
N ASN B 353 47.81 -2.44 18.32
CA ASN B 353 46.95 -3.35 19.05
C ASN B 353 47.00 -2.99 20.55
N GLN B 354 45.90 -2.48 21.11
CA GLN B 354 45.81 -2.08 22.53
C GLN B 354 45.62 -3.35 23.39
N ASN B 355 45.29 -4.48 22.76
CA ASN B 355 45.06 -5.77 23.42
C ASN B 355 46.33 -6.64 23.53
N THR B 356 46.94 -6.57 24.68
CA THR B 356 48.20 -7.31 24.91
C THR B 356 47.89 -8.81 24.98
N PRO B 357 48.87 -9.66 24.64
CA PRO B 357 48.68 -11.12 24.85
C PRO B 357 48.27 -11.51 26.29
N GLU B 358 48.81 -10.83 27.30
CA GLU B 358 48.47 -11.08 28.69
C GLU B 358 47.01 -10.73 28.98
N TYR B 359 46.54 -9.61 28.42
CA TYR B 359 45.13 -9.25 28.54
C TYR B 359 44.25 -10.33 27.92
N MET B 360 44.57 -10.73 26.69
CA MET B 360 43.77 -11.73 26.02
C MET B 360 43.69 -12.99 26.88
N GLU B 361 44.78 -13.47 27.40
CA GLU B 361 44.79 -14.72 28.20
C GLU B 361 44.04 -14.53 29.52
N LYS B 362 44.16 -13.36 30.14
CA LYS B 362 43.50 -13.13 31.43
C LYS B 362 41.97 -13.11 31.29
N ILE B 363 41.43 -12.44 30.27
CA ILE B 363 40.00 -12.39 30.02
C ILE B 363 39.53 -13.82 29.72
N LYS B 364 40.30 -14.53 28.89
CA LYS B 364 39.99 -15.95 28.55
C LYS B 364 39.90 -16.79 29.84
N GLN B 365 40.85 -16.60 30.76
CA GLN B 365 40.89 -17.35 32.01
C GLN B 365 39.63 -17.02 32.85
N ARG B 366 39.20 -15.75 32.87
CA ARG B 366 38.03 -15.40 33.68
C ARG B 366 36.77 -16.00 33.04
N LEU B 367 36.68 -16.02 31.72
CA LEU B 367 35.48 -16.62 31.10
C LEU B 367 35.46 -18.13 31.35
N PHE B 368 36.64 -18.76 31.32
CA PHE B 368 36.76 -20.22 31.65
C PHE B 368 36.25 -20.52 33.06
N GLU B 369 36.47 -19.62 34.03
CA GLU B 369 35.99 -19.82 35.41
C GLU B 369 34.46 -19.84 35.43
N ASN B 370 33.85 -19.01 34.60
CA ASN B 370 32.43 -18.92 34.48
C ASN B 370 31.89 -20.20 33.82
N LEU B 371 32.57 -20.69 32.81
CA LEU B 371 32.07 -21.88 32.10
C LEU B 371 32.19 -23.14 32.98
N ARG B 372 33.08 -23.15 33.97
CA ARG B 372 33.12 -24.27 34.93
C ARG B 372 31.83 -24.36 35.76
N MET B 373 31.01 -23.33 35.78
CA MET B 373 29.85 -23.31 36.61
C MET B 373 28.65 -23.92 35.86
N LEU B 374 28.77 -24.22 34.57
CA LEU B 374 27.71 -24.96 33.86
C LEU B 374 27.57 -26.37 34.47
N PRO B 375 26.32 -26.89 34.59
CA PRO B 375 25.96 -28.11 35.34
C PRO B 375 27.08 -29.16 35.41
N LYS C 9 -42.29 28.68 -6.23
CA LYS C 9 -40.81 28.46 -6.20
C LYS C 9 -40.16 29.35 -5.14
N LYS C 10 -38.86 29.18 -4.98
CA LYS C 10 -38.12 29.92 -3.97
C LYS C 10 -37.71 31.29 -4.52
N LYS C 11 -37.64 32.28 -3.63
CA LYS C 11 -37.24 33.63 -4.01
C LYS C 11 -35.72 33.73 -3.87
N VAL C 12 -35.12 34.37 -4.87
CA VAL C 12 -33.68 34.55 -4.95
C VAL C 12 -33.39 36.06 -5.07
N CYS C 13 -32.56 36.58 -4.17
CA CYS C 13 -32.03 37.94 -4.28
C CYS C 13 -30.53 37.85 -4.61
N TYR C 14 -30.08 38.76 -5.45
CA TYR C 14 -28.75 38.68 -6.04
C TYR C 14 -28.10 40.06 -5.92
N TYR C 15 -26.88 40.07 -5.38
CA TYR C 15 -26.12 41.29 -5.03
C TYR C 15 -25.04 41.47 -6.11
N TYR C 16 -25.04 42.66 -6.71
CA TYR C 16 -24.00 42.98 -7.67
C TYR C 16 -23.76 44.51 -7.70
N ASP C 17 -22.50 44.91 -7.68
CA ASP C 17 -22.15 46.33 -7.97
C ASP C 17 -21.33 46.41 -9.27
N GLY C 18 -21.80 47.21 -10.23
CA GLY C 18 -21.17 47.37 -11.56
C GLY C 18 -19.69 47.77 -11.50
N ASP C 19 -19.26 48.42 -10.41
CA ASP C 19 -17.83 48.76 -10.24
C ASP C 19 -16.90 47.58 -9.88
N ILE C 20 -17.48 46.46 -9.46
CA ILE C 20 -16.68 45.42 -8.80
C ILE C 20 -15.62 44.90 -9.78
N GLY C 21 -15.96 44.80 -11.07
CA GLY C 21 -15.02 44.26 -12.09
C GLY C 21 -13.90 45.22 -12.46
N ASN C 22 -13.89 46.43 -11.90
CA ASN C 22 -12.88 47.45 -12.20
C ASN C 22 -11.69 47.38 -11.22
N TYR C 23 -11.80 46.65 -10.11
CA TYR C 23 -10.68 46.59 -9.14
C TYR C 23 -9.62 45.64 -9.71
N TYR C 24 -8.37 46.08 -9.63
CA TYR C 24 -7.26 45.40 -10.28
C TYR C 24 -6.18 45.06 -9.24
N TYR C 25 -5.92 43.75 -9.04
CA TYR C 25 -4.89 43.28 -8.09
C TYR C 25 -3.48 43.59 -8.59
N GLY C 26 -3.30 43.84 -9.90
CA GLY C 26 -1.98 44.20 -10.46
C GLY C 26 -1.55 43.19 -11.51
N GLN C 27 -0.62 43.58 -12.38
CA GLN C 27 -0.20 42.71 -13.49
C GLN C 27 0.44 41.43 -12.94
N GLY C 28 0.03 40.28 -13.47
CA GLY C 28 0.53 38.98 -13.04
C GLY C 28 -0.32 38.35 -11.95
N HIS C 29 -1.05 39.15 -11.19
CA HIS C 29 -1.83 38.57 -10.10
C HIS C 29 -2.99 37.76 -10.71
N PRO C 30 -3.16 36.48 -10.28
CA PRO C 30 -4.20 35.62 -10.88
C PRO C 30 -5.65 35.95 -10.46
N MET C 31 -5.82 36.73 -9.39
CA MET C 31 -7.16 37.13 -8.94
C MET C 31 -7.67 38.26 -9.83
N LYS C 32 -8.76 38.00 -10.55
CA LYS C 32 -9.30 38.95 -11.56
C LYS C 32 -10.77 39.22 -11.23
N PRO C 33 -11.04 40.31 -10.47
CA PRO C 33 -12.44 40.68 -10.13
C PRO C 33 -13.38 40.82 -11.34
N HIS C 34 -12.81 41.12 -12.50
CA HIS C 34 -13.53 41.14 -13.79
C HIS C 34 -14.33 39.83 -14.04
N ARG C 35 -13.91 38.70 -13.48
CA ARG C 35 -14.68 37.44 -13.64
C ARG C 35 -16.11 37.59 -13.10
N ILE C 36 -16.32 38.48 -12.12
CA ILE C 36 -17.64 38.66 -11.55
C ILE C 36 -18.52 39.39 -12.59
N ARG C 37 -17.92 40.30 -13.34
CA ARG C 37 -18.68 41.08 -14.36
C ARG C 37 -19.07 40.16 -15.53
N MET C 38 -18.19 39.23 -15.89
CA MET C 38 -18.48 38.22 -16.94
C MET C 38 -19.62 37.28 -16.51
N THR C 39 -19.58 36.86 -15.25
CA THR C 39 -20.63 36.03 -14.67
C THR C 39 -21.96 36.76 -14.81
N HIS C 40 -21.96 38.02 -14.38
CA HIS C 40 -23.14 38.84 -14.42
C HIS C 40 -23.69 38.95 -15.85
N ASN C 41 -22.80 39.25 -16.76
CA ASN C 41 -23.21 39.49 -18.13
C ASN C 41 -23.78 38.19 -18.71
N LEU C 42 -23.12 37.07 -18.43
CA LEU C 42 -23.60 35.82 -18.96
C LEU C 42 -25.00 35.52 -18.40
N LEU C 43 -25.19 35.65 -17.09
CA LEU C 43 -26.48 35.23 -16.53
C LEU C 43 -27.58 36.22 -16.92
N LEU C 44 -27.25 37.51 -17.14
CA LEU C 44 -28.25 38.44 -17.68
C LEU C 44 -28.69 38.00 -19.08
N ASN C 45 -27.75 37.52 -19.90
CA ASN C 45 -28.06 37.22 -21.29
C ASN C 45 -28.83 35.90 -21.39
N TYR C 46 -28.77 35.08 -20.33
CA TYR C 46 -29.60 33.87 -20.23
C TYR C 46 -31.02 34.24 -19.79
N GLY C 47 -31.24 35.45 -19.33
CA GLY C 47 -32.57 35.92 -18.95
C GLY C 47 -32.85 35.70 -17.47
N LEU C 48 -31.85 35.33 -16.68
CA LEU C 48 -32.12 34.89 -15.30
C LEU C 48 -32.48 36.09 -14.40
N TYR C 49 -32.29 37.32 -14.89
CA TYR C 49 -32.73 38.55 -14.18
C TYR C 49 -34.26 38.64 -14.14
N ARG C 50 -34.95 37.96 -15.05
CA ARG C 50 -36.41 37.94 -15.06
C ARG C 50 -36.95 37.17 -13.84
N LYS C 51 -36.10 36.38 -13.17
CA LYS C 51 -36.56 35.39 -12.19
C LYS C 51 -36.09 35.75 -10.77
N MET C 52 -35.31 36.82 -10.59
CA MET C 52 -34.76 37.12 -9.26
C MET C 52 -34.63 38.63 -9.08
N GLU C 53 -34.53 39.06 -7.82
CA GLU C 53 -34.40 40.49 -7.51
C GLU C 53 -32.91 40.83 -7.43
N ILE C 54 -32.50 41.83 -8.19
CA ILE C 54 -31.09 42.24 -8.23
C ILE C 54 -30.92 43.54 -7.43
N TYR C 55 -29.99 43.53 -6.47
CA TYR C 55 -29.68 44.72 -5.65
C TYR C 55 -28.20 45.09 -5.77
N ARG C 56 -27.96 46.41 -5.75
CA ARG C 56 -26.64 47.01 -5.58
C ARG C 56 -26.37 47.01 -4.08
N PRO C 57 -25.29 46.36 -3.63
CA PRO C 57 -25.14 46.35 -2.19
C PRO C 57 -24.60 47.69 -1.64
N HIS C 58 -25.01 48.04 -0.43
CA HIS C 58 -24.37 49.10 0.34
C HIS C 58 -22.87 48.76 0.49
N LYS C 59 -22.05 49.78 0.63
CA LYS C 59 -20.68 49.56 1.07
C LYS C 59 -20.71 49.28 2.58
N ALA C 60 -20.14 48.17 3.02
CA ALA C 60 -19.99 47.94 4.45
C ALA C 60 -19.07 49.02 5.05
N THR C 61 -19.43 49.51 6.22
CA THR C 61 -18.63 50.55 6.86
C THR C 61 -17.41 49.92 7.57
N ALA C 62 -16.42 50.77 7.83
CA ALA C 62 -15.27 50.38 8.64
C ALA C 62 -15.76 49.88 9.99
N GLU C 63 -16.77 50.57 10.55
CA GLU C 63 -17.27 50.20 11.90
C GLU C 63 -17.80 48.76 11.85
N GLU C 64 -18.63 48.47 10.85
CA GLU C 64 -19.17 47.14 10.63
C GLU C 64 -18.04 46.10 10.59
N MET C 65 -16.97 46.39 9.85
CA MET C 65 -15.88 45.44 9.74
C MET C 65 -15.23 45.15 11.11
N THR C 66 -15.21 46.13 12.01
CA THR C 66 -14.59 45.96 13.35
C THR C 66 -15.49 45.14 14.30
N LYS C 67 -16.66 44.70 13.85
CA LYS C 67 -17.40 43.65 14.58
C LYS C 67 -16.56 42.37 14.70
N TYR C 68 -15.65 42.15 13.78
CA TYR C 68 -14.77 40.99 13.83
C TYR C 68 -13.30 41.45 13.81
N HIS C 69 -12.93 42.24 12.82
CA HIS C 69 -11.54 42.64 12.60
C HIS C 69 -11.10 43.67 13.64
N SER C 70 -9.81 43.70 13.94
CA SER C 70 -9.28 44.68 14.86
C SER C 70 -9.29 46.09 14.23
N ASP C 71 -9.44 47.10 15.06
CA ASP C 71 -9.44 48.50 14.61
C ASP C 71 -8.15 48.91 13.91
N GLU C 72 -6.99 48.48 14.43
CA GLU C 72 -5.70 48.89 13.85
C GLU C 72 -5.57 48.27 12.45
N TYR C 73 -6.06 47.05 12.28
CA TYR C 73 -5.99 46.40 10.98
C TYR C 73 -6.92 47.12 10.00
N ILE C 74 -8.15 47.42 10.41
CA ILE C 74 -9.09 48.08 9.48
C ILE C 74 -8.60 49.50 9.18
N LYS C 75 -8.11 50.22 10.19
CA LYS C 75 -7.55 51.56 9.98
C LYS C 75 -6.41 51.53 8.95
N PHE C 76 -5.56 50.51 9.07
CA PHE C 76 -4.46 50.29 8.09
C PHE C 76 -5.04 50.08 6.68
N LEU C 77 -6.00 49.19 6.53
CA LEU C 77 -6.58 48.91 5.19
C LEU C 77 -7.18 50.18 4.58
N ARG C 78 -7.72 51.05 5.41
CA ARG C 78 -8.37 52.28 4.94
C ARG C 78 -7.32 53.34 4.53
N SER C 79 -6.10 53.24 5.08
CA SER C 79 -5.05 54.25 4.99
C SER C 79 -4.00 53.94 3.92
N ILE C 80 -3.74 52.67 3.67
CA ILE C 80 -2.61 52.30 2.85
C ILE C 80 -2.95 52.59 1.38
N ARG C 81 -1.98 53.16 0.66
CA ARG C 81 -2.11 53.45 -0.77
C ARG C 81 -0.82 53.05 -1.48
N PRO C 82 -0.89 52.73 -2.78
CA PRO C 82 0.38 52.43 -3.51
C PRO C 82 1.51 53.42 -3.21
N ASP C 83 1.18 54.71 -3.11
CA ASP C 83 2.20 55.72 -2.97
C ASP C 83 2.66 56.04 -1.52
N ASN C 84 2.24 55.28 -0.50
CA ASN C 84 2.66 55.62 0.89
C ASN C 84 3.19 54.38 1.62
N MET C 85 3.44 53.29 0.91
CA MET C 85 3.84 52.02 1.53
C MET C 85 5.13 52.16 2.34
N SER C 86 6.05 53.01 1.89
CA SER C 86 7.31 53.23 2.61
C SER C 86 7.05 53.63 4.07
N GLU C 87 5.98 54.40 4.32
CA GLU C 87 5.65 54.87 5.67
C GLU C 87 5.03 53.76 6.52
N TYR C 88 4.59 52.65 5.95
CA TYR C 88 3.79 51.66 6.70
C TYR C 88 4.47 50.28 6.71
N SER C 89 5.80 50.20 6.56
CA SER C 89 6.43 48.88 6.34
C SER C 89 6.27 47.99 7.58
N LYS C 90 6.28 48.58 8.78
CA LYS C 90 6.07 47.80 10.01
C LYS C 90 4.65 47.20 10.04
N GLN C 91 3.64 48.01 9.76
CA GLN C 91 2.25 47.54 9.71
C GLN C 91 2.07 46.54 8.56
N MET C 92 2.75 46.72 7.45
CA MET C 92 2.61 45.78 6.35
C MET C 92 3.09 44.38 6.79
N GLN C 93 4.17 44.33 7.56
CA GLN C 93 4.64 43.05 8.12
C GLN C 93 3.60 42.52 9.11
N ARG C 94 3.11 43.39 9.99
CA ARG C 94 2.17 42.99 11.02
C ARG C 94 0.90 42.38 10.39
N PHE C 95 0.43 42.99 9.30
CA PHE C 95 -0.88 42.66 8.76
C PHE C 95 -0.76 41.82 7.49
N ASN C 96 0.45 41.51 7.04
CA ASN C 96 0.70 40.62 5.86
C ASN C 96 0.13 41.25 4.58
N VAL C 97 0.38 42.54 4.38
CA VAL C 97 -0.11 43.20 3.17
C VAL C 97 1.09 43.73 2.38
N GLY C 98 1.09 43.49 1.06
CA GLY C 98 2.12 44.04 0.18
C GLY C 98 2.71 43.01 -0.78
N GLU C 99 2.45 41.72 -0.59
CA GLU C 99 2.95 40.67 -1.52
C GLU C 99 1.74 40.03 -2.24
N ASP C 100 1.33 38.82 -1.84
CA ASP C 100 0.21 38.17 -2.51
C ASP C 100 -1.13 38.85 -2.14
N CYS C 101 -1.12 39.61 -1.04
CA CYS C 101 -2.19 40.53 -0.72
C CYS C 101 -1.68 41.94 -1.01
N PRO C 102 -1.67 42.32 -2.31
CA PRO C 102 -1.05 43.59 -2.67
C PRO C 102 -1.85 44.81 -2.19
N VAL C 103 -1.16 45.95 -2.22
CA VAL C 103 -1.80 47.24 -2.12
C VAL C 103 -2.19 47.67 -3.53
N PHE C 104 -3.47 47.84 -3.78
CA PHE C 104 -3.91 48.38 -5.08
C PHE C 104 -4.90 49.52 -4.86
N ASP C 105 -5.12 50.31 -5.91
CA ASP C 105 -6.05 51.44 -5.89
C ASP C 105 -7.46 50.94 -5.61
N GLY C 106 -8.11 51.53 -4.61
CA GLY C 106 -9.49 51.13 -4.26
C GLY C 106 -9.59 49.84 -3.45
N LEU C 107 -8.47 49.34 -2.91
CA LEU C 107 -8.48 48.15 -2.02
C LEU C 107 -9.61 48.25 -1.00
N PHE C 108 -9.74 49.40 -0.32
CA PHE C 108 -10.71 49.44 0.77
C PHE C 108 -12.13 49.35 0.20
N GLU C 109 -12.40 50.05 -0.89
CA GLU C 109 -13.75 50.04 -1.48
C GLU C 109 -14.09 48.61 -1.94
N PHE C 110 -13.10 47.90 -2.44
CA PHE C 110 -13.32 46.47 -2.82
C PHE C 110 -13.76 45.64 -1.60
N CYS C 111 -13.06 45.83 -0.47
CA CYS C 111 -13.48 45.23 0.81
C CYS C 111 -14.93 45.63 1.15
N GLN C 112 -15.28 46.92 1.02
CA GLN C 112 -16.60 47.40 1.42
C GLN C 112 -17.70 46.79 0.54
N LEU C 113 -17.45 46.60 -0.75
CA LEU C 113 -18.48 46.13 -1.67
C LEU C 113 -18.65 44.61 -1.59
N SER C 114 -17.52 43.89 -1.51
CA SER C 114 -17.59 42.45 -1.36
C SER C 114 -18.31 42.13 -0.04
N THR C 115 -17.92 42.80 1.04
CA THR C 115 -18.53 42.58 2.35
C THR C 115 -19.99 43.04 2.38
N GLY C 116 -20.28 44.19 1.78
CA GLY C 116 -21.62 44.72 1.78
C GLY C 116 -22.62 43.75 1.21
N GLY C 117 -22.22 43.06 0.14
CA GLY C 117 -23.08 42.09 -0.50
C GLY C 117 -23.45 40.91 0.39
N SER C 118 -22.48 40.38 1.12
CA SER C 118 -22.69 39.23 1.98
C SER C 118 -23.56 39.61 3.19
N VAL C 119 -23.27 40.74 3.81
CA VAL C 119 -24.03 41.17 4.98
C VAL C 119 -25.46 41.55 4.56
N ALA C 120 -25.62 42.25 3.44
CA ALA C 120 -26.97 42.61 2.99
C ALA C 120 -27.80 41.35 2.72
N GLY C 121 -27.18 40.35 2.10
CA GLY C 121 -27.79 39.03 1.92
C GLY C 121 -28.27 38.40 3.23
N ALA C 122 -27.40 38.40 4.23
CA ALA C 122 -27.73 37.91 5.56
C ALA C 122 -28.92 38.67 6.15
N VAL C 123 -28.92 39.99 6.03
CA VAL C 123 -30.04 40.81 6.56
C VAL C 123 -31.36 40.39 5.87
N LYS C 124 -31.29 40.16 4.57
CA LYS C 124 -32.50 39.88 3.81
C LYS C 124 -33.05 38.52 4.25
N LEU C 125 -32.14 37.58 4.47
CA LEU C 125 -32.51 36.24 4.98
C LEU C 125 -33.10 36.35 6.41
N ASN C 126 -32.42 37.10 7.30
CA ASN C 126 -32.91 37.38 8.67
C ASN C 126 -34.34 37.93 8.67
N ARG C 127 -34.66 38.81 7.72
CA ARG C 127 -35.96 39.45 7.70
C ARG C 127 -36.94 38.57 6.94
N GLN C 128 -36.49 37.39 6.50
CA GLN C 128 -37.33 36.47 5.76
C GLN C 128 -37.93 37.18 4.55
N GLN C 129 -37.13 38.00 3.89
CA GLN C 129 -37.58 38.70 2.68
C GLN C 129 -37.13 37.89 1.45
N THR C 130 -36.37 36.81 1.67
CA THR C 130 -35.91 35.93 0.58
C THR C 130 -35.55 34.55 1.12
N ASP C 131 -35.48 33.56 0.23
CA ASP C 131 -35.08 32.19 0.60
C ASP C 131 -33.62 31.96 0.33
N MET C 132 -33.11 32.61 -0.73
CA MET C 132 -31.71 32.56 -1.06
C MET C 132 -31.21 33.98 -1.39
N ALA C 133 -29.99 34.26 -0.95
CA ALA C 133 -29.26 35.45 -1.33
C ALA C 133 -27.93 35.05 -1.97
N VAL C 134 -27.56 35.73 -3.04
CA VAL C 134 -26.35 35.38 -3.81
C VAL C 134 -25.41 36.59 -3.87
N ASN C 135 -24.14 36.36 -3.56
CA ASN C 135 -23.12 37.38 -3.68
C ASN C 135 -21.83 36.78 -4.24
N TRP C 136 -21.69 36.82 -5.57
CA TRP C 136 -20.54 36.17 -6.21
C TRP C 136 -19.24 36.95 -5.95
N ALA C 137 -19.32 38.22 -5.50
CA ALA C 137 -18.14 39.02 -5.14
C ALA C 137 -17.65 38.68 -3.73
N GLY C 138 -18.35 37.82 -3.01
CA GLY C 138 -17.95 37.41 -1.65
C GLY C 138 -17.14 36.11 -1.62
N GLY C 139 -16.99 35.60 -0.38
CA GLY C 139 -16.37 34.29 -0.12
C GLY C 139 -14.90 34.38 0.27
N LEU C 140 -14.48 35.48 0.91
CA LEU C 140 -13.05 35.75 1.11
C LEU C 140 -12.58 35.04 2.40
N HIS C 141 -12.49 33.72 2.29
CA HIS C 141 -12.49 32.85 3.47
C HIS C 141 -11.16 32.89 4.25
N HIS C 142 -10.08 33.42 3.71
CA HIS C 142 -8.77 33.36 4.39
C HIS C 142 -8.54 34.56 5.31
N ALA C 143 -9.30 35.66 5.18
CA ALA C 143 -8.99 36.87 5.97
C ALA C 143 -9.13 36.56 7.47
N LYS C 144 -8.20 37.07 8.26
CA LYS C 144 -8.16 36.85 9.69
C LYS C 144 -8.44 38.16 10.44
N LYS C 145 -8.52 38.06 11.76
CA LYS C 145 -8.94 39.19 12.59
C LYS C 145 -8.04 40.41 12.33
N SER C 146 -6.74 40.18 12.28
CA SER C 146 -5.79 41.25 12.15
C SER C 146 -4.71 40.86 11.14
N GLU C 147 -5.10 40.16 10.09
CA GLU C 147 -4.14 39.72 9.08
C GLU C 147 -4.88 39.45 7.76
N ALA C 148 -4.37 40.02 6.69
CA ALA C 148 -4.73 39.58 5.34
C ALA C 148 -4.02 38.25 5.05
N SER C 149 -4.64 37.49 4.16
CA SER C 149 -4.10 36.20 3.82
C SER C 149 -4.71 35.71 2.49
N GLY C 150 -3.85 35.17 1.63
CA GLY C 150 -4.31 34.49 0.39
C GLY C 150 -5.29 35.33 -0.41
N PHE C 151 -4.92 36.58 -0.68
CA PHE C 151 -5.67 37.52 -1.51
C PHE C 151 -6.89 38.13 -0.76
N CYS C 152 -7.13 37.73 0.49
CA CYS C 152 -8.34 38.12 1.23
C CYS C 152 -7.97 39.12 2.34
N TYR C 153 -8.70 40.22 2.44
CA TYR C 153 -8.37 41.26 3.44
C TYR C 153 -9.45 41.32 4.52
N VAL C 154 -10.71 41.35 4.10
CA VAL C 154 -11.82 41.45 5.04
C VAL C 154 -12.70 40.22 4.87
N ASN C 155 -13.01 39.57 5.99
CA ASN C 155 -13.71 38.28 5.93
C ASN C 155 -15.23 38.54 5.87
N ASP C 156 -15.73 38.73 4.65
CA ASP C 156 -17.14 38.99 4.48
C ASP C 156 -17.98 37.83 5.02
N ILE C 157 -17.45 36.60 4.93
CA ILE C 157 -18.22 35.42 5.34
C ILE C 157 -18.48 35.48 6.85
N VAL C 158 -17.41 35.74 7.61
CA VAL C 158 -17.55 35.83 9.06
C VAL C 158 -18.54 36.95 9.44
N LEU C 159 -18.44 38.08 8.77
CA LEU C 159 -19.31 39.18 9.12
C LEU C 159 -20.78 38.85 8.77
N ALA C 160 -21.00 38.12 7.68
CA ALA C 160 -22.37 37.72 7.29
C ALA C 160 -22.92 36.71 8.32
N ILE C 161 -22.07 35.79 8.78
CA ILE C 161 -22.50 34.80 9.76
C ILE C 161 -22.81 35.49 11.11
N LEU C 162 -22.00 36.46 11.53
CA LEU C 162 -22.34 37.20 12.77
C LEU C 162 -23.73 37.83 12.64
N GLU C 163 -24.05 38.38 11.45
CA GLU C 163 -25.39 38.94 11.24
C GLU C 163 -26.46 37.84 11.34
N LEU C 164 -26.22 36.68 10.70
CA LEU C 164 -27.21 35.60 10.73
C LEU C 164 -27.44 35.12 12.17
N LEU C 165 -26.41 35.13 13.00
CA LEU C 165 -26.50 34.61 14.38
C LEU C 165 -27.41 35.48 15.26
N LYS C 166 -27.77 36.69 14.83
CA LYS C 166 -28.76 37.47 15.56
C LYS C 166 -30.15 36.80 15.51
N TYR C 167 -30.44 36.09 14.43
CA TYR C 167 -31.78 35.50 14.18
C TYR C 167 -31.72 33.96 14.15
N HIS C 168 -30.54 33.37 14.10
CA HIS C 168 -30.39 31.92 13.90
C HIS C 168 -29.51 31.34 15.00
N GLN C 169 -30.05 30.38 15.76
CA GLN C 169 -29.32 29.75 16.86
C GLN C 169 -28.10 28.99 16.31
N ARG C 170 -28.27 28.30 15.18
CA ARG C 170 -27.21 27.47 14.57
C ARG C 170 -27.09 27.82 13.07
N VAL C 171 -25.86 28.09 12.63
CA VAL C 171 -25.54 28.38 11.23
C VAL C 171 -24.51 27.36 10.75
N LEU C 172 -24.81 26.77 9.58
CA LEU C 172 -23.90 25.82 8.95
C LEU C 172 -23.16 26.53 7.81
N TYR C 173 -21.82 26.47 7.86
CA TYR C 173 -20.96 26.97 6.80
C TYR C 173 -20.33 25.80 6.04
N ILE C 174 -20.48 25.79 4.72
CA ILE C 174 -19.94 24.76 3.86
C ILE C 174 -19.03 25.41 2.81
N ASP C 175 -17.86 24.84 2.58
CA ASP C 175 -16.86 25.50 1.74
C ASP C 175 -16.32 24.52 0.70
N ILE C 176 -16.61 24.74 -0.59
CA ILE C 176 -16.18 23.80 -1.67
C ILE C 176 -15.10 24.43 -2.56
N ASP C 177 -14.59 25.61 -2.20
CA ASP C 177 -13.29 26.11 -2.73
C ASP C 177 -12.24 25.00 -2.55
N ILE C 178 -11.27 24.97 -3.44
CA ILE C 178 -10.20 23.97 -3.32
C ILE C 178 -9.33 24.24 -2.09
N HIS C 179 -9.34 25.47 -1.55
CA HIS C 179 -8.54 25.79 -0.36
C HIS C 179 -9.36 25.65 0.92
N HIS C 180 -8.67 25.31 2.01
CA HIS C 180 -9.28 25.27 3.33
C HIS C 180 -9.80 26.66 3.75
N GLY C 181 -11.06 26.69 4.20
CA GLY C 181 -11.69 27.90 4.70
C GLY C 181 -11.20 28.23 6.11
N ASP C 182 -9.91 28.49 6.22
CA ASP C 182 -9.26 28.64 7.54
C ASP C 182 -9.72 29.86 8.35
N GLY C 183 -9.91 31.00 7.68
CA GLY C 183 -10.33 32.20 8.40
C GLY C 183 -11.71 32.05 9.04
N VAL C 184 -12.63 31.35 8.35
CA VAL C 184 -13.96 31.14 8.86
C VAL C 184 -13.91 30.09 9.98
N GLU C 185 -13.21 29.01 9.75
CA GLU C 185 -13.05 27.97 10.80
C GLU C 185 -12.48 28.61 12.08
N GLU C 186 -11.49 29.46 11.93
CA GLU C 186 -10.81 30.01 13.13
C GLU C 186 -11.76 30.94 13.87
N ALA C 187 -12.53 31.74 13.14
CA ALA C 187 -13.45 32.67 13.81
C ALA C 187 -14.40 31.92 14.73
N PHE C 188 -14.88 30.74 14.30
CA PHE C 188 -15.93 30.01 15.02
C PHE C 188 -15.40 28.73 15.67
N TYR C 189 -14.10 28.62 15.86
CA TYR C 189 -13.50 27.36 16.30
C TYR C 189 -13.99 26.94 17.69
N THR C 190 -14.36 27.90 18.57
CA THR C 190 -14.72 27.53 19.97
C THR C 190 -16.22 27.69 20.22
N THR C 191 -17.05 27.75 19.15
CA THR C 191 -18.50 27.85 19.34
C THR C 191 -19.22 26.67 18.65
N ASP C 192 -20.30 26.24 19.28
CA ASP C 192 -21.24 25.30 18.69
C ASP C 192 -22.33 26.00 17.86
N ARG C 193 -22.29 27.34 17.77
CA ARG C 193 -23.38 28.06 17.10
C ARG C 193 -23.12 28.18 15.60
N VAL C 194 -21.89 27.89 15.19
CA VAL C 194 -21.53 27.76 13.77
C VAL C 194 -20.75 26.46 13.62
N MET C 195 -21.22 25.59 12.71
CA MET C 195 -20.43 24.45 12.27
C MET C 195 -19.80 24.81 10.91
N THR C 196 -18.49 24.58 10.79
CA THR C 196 -17.74 24.84 9.54
C THR C 196 -17.36 23.49 8.95
N VAL C 197 -17.61 23.35 7.66
CA VAL C 197 -17.34 22.13 6.94
C VAL C 197 -16.59 22.52 5.68
N SER C 198 -15.34 22.06 5.58
CA SER C 198 -14.48 22.40 4.45
C SER C 198 -14.00 21.12 3.77
N PHE C 199 -14.18 21.10 2.44
CA PHE C 199 -13.58 20.12 1.54
C PHE C 199 -12.44 20.82 0.78
N HIS C 200 -11.23 20.27 0.82
CA HIS C 200 -10.10 21.03 0.28
C HIS C 200 -8.89 20.14 0.01
N LYS C 201 -8.07 20.58 -0.93
CA LYS C 201 -6.79 19.94 -1.14
C LYS C 201 -5.93 20.17 0.12
N TYR C 202 -5.23 19.11 0.47
CA TYR C 202 -4.42 19.15 1.69
C TYR C 202 -3.09 18.45 1.43
N GLY C 203 -2.03 19.02 1.97
CA GLY C 203 -0.66 18.41 1.87
C GLY C 203 0.27 19.32 1.08
N GLU C 204 1.15 20.02 1.78
CA GLU C 204 2.00 21.08 1.17
C GLU C 204 1.18 21.85 0.12
N TYR C 205 0.09 22.40 0.61
CA TYR C 205 -0.81 23.22 -0.17
C TYR C 205 -1.31 24.35 0.74
N PHE C 206 -1.57 25.52 0.17
CA PHE C 206 -2.06 26.65 0.93
C PHE C 206 -3.47 26.37 1.46
N PRO C 207 -3.81 26.79 2.69
CA PRO C 207 -2.93 27.51 3.63
C PRO C 207 -2.13 26.62 4.59
N GLY C 208 -2.29 25.31 4.52
CA GLY C 208 -1.51 24.38 5.38
C GLY C 208 -2.34 23.81 6.52
N THR C 209 -3.57 24.28 6.64
CA THR C 209 -4.47 23.96 7.76
C THR C 209 -5.59 23.04 7.24
N GLY C 210 -6.55 22.67 8.09
CA GLY C 210 -7.66 21.82 7.66
C GLY C 210 -7.30 20.35 7.69
N ASP C 211 -6.48 19.95 8.67
CA ASP C 211 -6.22 18.54 8.93
C ASP C 211 -7.52 17.88 9.42
N LEU C 212 -7.64 16.61 9.12
CA LEU C 212 -8.71 15.72 9.60
C LEU C 212 -8.89 15.85 11.11
N ARG C 213 -7.78 15.99 11.85
CA ARG C 213 -7.77 16.04 13.32
C ARG C 213 -8.20 17.41 13.86
N ASP C 214 -8.35 18.41 13.01
CA ASP C 214 -8.81 19.73 13.49
C ASP C 214 -10.35 19.74 13.58
N ILE C 215 -10.90 19.59 14.79
CA ILE C 215 -12.32 19.34 14.98
C ILE C 215 -12.95 20.43 15.85
N GLY C 216 -12.19 21.45 16.21
CA GLY C 216 -12.68 22.56 17.09
C GLY C 216 -12.22 22.41 18.52
N ALA C 217 -12.54 23.38 19.37
CA ALA C 217 -12.12 23.32 20.76
C ALA C 217 -13.20 23.93 21.65
N GLY C 218 -13.12 23.65 22.95
CA GLY C 218 -14.11 24.12 23.89
C GLY C 218 -15.50 23.64 23.53
N LYS C 219 -16.51 24.51 23.65
CA LYS C 219 -17.88 24.18 23.22
C LYS C 219 -17.92 23.90 21.72
N GLY C 220 -16.90 24.29 20.96
CA GLY C 220 -16.88 24.04 19.54
C GLY C 220 -16.25 22.70 19.20
N LYS C 221 -15.89 21.89 20.19
CA LYS C 221 -15.30 20.61 19.84
C LYS C 221 -16.34 19.74 19.09
N TYR C 222 -15.92 19.25 17.93
CA TYR C 222 -16.72 18.44 16.95
C TYR C 222 -17.60 19.34 16.07
N TYR C 223 -17.44 20.68 16.16
CA TYR C 223 -18.23 21.62 15.31
C TYR C 223 -17.34 22.23 14.22
N ALA C 224 -16.17 21.64 13.99
CA ALA C 224 -15.39 21.96 12.81
C ALA C 224 -15.10 20.62 12.10
N VAL C 225 -15.29 20.63 10.79
CA VAL C 225 -15.23 19.40 10.02
C VAL C 225 -14.35 19.70 8.80
N ASN C 226 -13.37 18.82 8.58
CA ASN C 226 -12.39 18.98 7.52
C ASN C 226 -12.21 17.67 6.75
N PHE C 227 -12.40 17.75 5.43
CA PHE C 227 -12.16 16.61 4.53
C PHE C 227 -10.97 16.95 3.63
N PRO C 228 -9.77 16.55 4.05
CA PRO C 228 -8.56 16.75 3.25
C PRO C 228 -8.51 15.80 2.04
N MET C 229 -8.17 16.38 0.89
CA MET C 229 -8.18 15.66 -0.39
C MET C 229 -6.81 15.79 -1.08
N ARG C 230 -6.55 14.86 -1.98
CA ARG C 230 -5.41 14.91 -2.87
C ARG C 230 -5.85 15.42 -4.24
N ASP C 231 -4.87 15.59 -5.12
CA ASP C 231 -5.13 16.00 -6.52
C ASP C 231 -6.09 15.09 -7.28
N GLY C 232 -6.85 15.70 -8.16
CA GLY C 232 -7.50 14.97 -9.21
C GLY C 232 -8.88 14.45 -8.86
N ILE C 233 -9.46 14.90 -7.75
CA ILE C 233 -10.77 14.39 -7.44
C ILE C 233 -11.73 14.77 -8.56
N ASP C 234 -12.63 13.84 -8.87
CA ASP C 234 -13.58 13.93 -9.99
C ASP C 234 -15.03 13.99 -9.49
N ASP C 235 -15.97 14.25 -10.41
CA ASP C 235 -17.39 14.44 -10.06
C ASP C 235 -17.96 13.29 -9.23
N GLU C 236 -17.68 12.05 -9.64
CA GLU C 236 -18.30 10.88 -8.97
C GLU C 236 -17.70 10.74 -7.54
N SER C 237 -16.38 10.87 -7.41
CA SER C 237 -15.70 10.73 -6.09
C SER C 237 -16.15 11.81 -5.10
N TYR C 238 -16.22 13.03 -5.60
CA TYR C 238 -16.60 14.18 -4.78
C TYR C 238 -18.07 14.07 -4.36
N GLY C 239 -18.94 13.72 -5.29
CA GLY C 239 -20.39 13.61 -4.99
C GLY C 239 -20.69 12.52 -3.96
N GLN C 240 -19.98 11.41 -4.05
CA GLN C 240 -20.18 10.28 -3.13
C GLN C 240 -19.64 10.61 -1.72
N ILE C 241 -18.91 11.71 -1.59
CA ILE C 241 -18.39 12.24 -0.28
C ILE C 241 -19.33 13.34 0.24
N PHE C 242 -19.66 14.27 -0.65
CA PHE C 242 -20.33 15.50 -0.28
C PHE C 242 -21.74 15.18 0.25
N LYS C 243 -22.52 14.42 -0.50
CA LYS C 243 -23.94 14.22 -0.14
C LYS C 243 -24.10 13.44 1.19
N PRO C 244 -23.36 12.35 1.38
CA PRO C 244 -23.46 11.64 2.67
C PRO C 244 -22.98 12.46 3.88
N ILE C 245 -21.88 13.19 3.74
CA ILE C 245 -21.36 14.01 4.85
CA ILE C 245 -21.36 14.01 4.84
C ILE C 245 -22.32 15.16 5.14
N ILE C 246 -22.82 15.84 4.11
CA ILE C 246 -23.69 16.99 4.38
C ILE C 246 -25.02 16.46 4.94
N SER C 247 -25.53 15.33 4.43
CA SER C 247 -26.76 14.75 4.99
C SER C 247 -26.60 14.45 6.48
N LYS C 248 -25.46 13.89 6.85
CA LYS C 248 -25.25 13.55 8.26
C LYS C 248 -25.11 14.83 9.07
N VAL C 249 -24.43 15.83 8.52
CA VAL C 249 -24.27 17.12 9.20
C VAL C 249 -25.65 17.72 9.45
N MET C 250 -26.53 17.69 8.45
CA MET C 250 -27.87 18.27 8.60
C MET C 250 -28.65 17.56 9.71
N GLU C 251 -28.57 16.23 9.71
CA GLU C 251 -29.35 15.43 10.65
C GLU C 251 -28.85 15.66 12.08
N MET C 252 -27.53 15.78 12.27
CA MET C 252 -26.98 15.88 13.62
C MET C 252 -26.99 17.34 14.09
N TYR C 253 -26.68 18.29 13.20
CA TYR C 253 -26.49 19.68 13.64
C TYR C 253 -27.81 20.50 13.59
N GLN C 254 -28.69 20.15 12.67
CA GLN C 254 -30.01 20.80 12.52
C GLN C 254 -29.87 22.33 12.51
N PRO C 255 -29.15 22.87 11.53
CA PRO C 255 -28.96 24.32 11.40
C PRO C 255 -30.27 25.00 10.93
N SER C 256 -30.45 26.31 11.20
CA SER C 256 -31.63 27.00 10.66
C SER C 256 -31.21 27.96 9.54
N ALA C 257 -29.92 28.08 9.25
CA ALA C 257 -29.43 28.82 8.08
C ALA C 257 -28.13 28.21 7.59
N VAL C 258 -27.83 28.41 6.30
CA VAL C 258 -26.65 27.83 5.67
C VAL C 258 -25.94 28.88 4.83
N VAL C 259 -24.60 28.88 4.91
CA VAL C 259 -23.76 29.71 4.09
C VAL C 259 -22.90 28.78 3.26
N LEU C 260 -22.97 28.91 1.93
CA LEU C 260 -22.24 28.00 1.02
C LEU C 260 -21.23 28.83 0.21
N GLN C 261 -19.95 28.60 0.45
CA GLN C 261 -18.89 29.26 -0.32
C GLN C 261 -18.65 28.39 -1.56
N CYS C 262 -18.83 28.94 -2.77
CA CYS C 262 -18.87 28.18 -4.00
C CYS C 262 -17.61 28.43 -4.84
N GLY C 263 -16.44 28.54 -4.20
CA GLY C 263 -15.24 28.81 -4.94
C GLY C 263 -15.03 27.81 -6.07
N ALA C 264 -14.74 28.36 -7.25
CA ALA C 264 -14.70 27.63 -8.50
C ALA C 264 -13.27 27.22 -8.86
N ASP C 265 -12.31 27.39 -7.94
CA ASP C 265 -10.94 26.85 -8.18
C ASP C 265 -10.82 25.33 -7.93
N SER C 266 -11.95 24.72 -7.58
CA SER C 266 -12.10 23.25 -7.50
C SER C 266 -12.51 22.64 -8.85
N LEU C 267 -12.70 23.46 -9.89
CA LEU C 267 -13.03 22.98 -11.23
C LEU C 267 -11.81 22.46 -12.00
N SER C 268 -12.05 21.42 -12.80
CA SER C 268 -11.15 21.00 -13.86
C SER C 268 -10.64 22.20 -14.67
N GLY C 269 -9.34 22.19 -14.96
CA GLY C 269 -8.72 23.18 -15.85
C GLY C 269 -8.52 24.53 -15.18
N ASP C 270 -8.68 24.62 -13.87
CA ASP C 270 -8.34 25.84 -13.19
C ASP C 270 -6.84 26.15 -13.28
N ARG C 271 -6.47 27.42 -13.47
CA ARG C 271 -5.05 27.78 -13.63
C ARG C 271 -4.25 27.46 -12.36
N LEU C 272 -4.87 27.50 -11.19
CA LEU C 272 -4.15 27.29 -9.89
C LEU C 272 -4.52 25.95 -9.23
N GLY C 273 -5.76 25.51 -9.37
CA GLY C 273 -6.25 24.32 -8.67
C GLY C 273 -5.91 23.04 -9.41
N CYS C 274 -5.98 21.90 -8.73
CA CYS C 274 -5.65 20.63 -9.36
C CYS C 274 -6.75 19.59 -9.07
N PHE C 275 -8.01 20.05 -8.98
CA PHE C 275 -9.21 19.17 -8.93
C PHE C 275 -9.72 18.97 -10.35
N ASN C 276 -10.69 18.08 -10.51
CA ASN C 276 -11.17 17.67 -11.82
C ASN C 276 -12.71 17.69 -11.80
N LEU C 277 -13.33 18.64 -11.13
CA LEU C 277 -14.80 18.71 -11.13
C LEU C 277 -15.29 19.43 -12.39
N THR C 278 -16.45 19.02 -12.89
CA THR C 278 -17.13 19.76 -13.96
C THR C 278 -18.02 20.82 -13.29
N VAL C 279 -18.55 21.71 -14.10
CA VAL C 279 -19.55 22.65 -13.61
C VAL C 279 -20.74 21.88 -13.03
N LYS C 280 -21.14 20.77 -13.65
CA LYS C 280 -22.28 19.97 -13.16
C LYS C 280 -21.92 19.34 -11.82
N GLY C 281 -20.70 18.80 -11.70
CA GLY C 281 -20.24 18.22 -10.44
C GLY C 281 -20.13 19.24 -9.32
N HIS C 282 -19.68 20.45 -9.65
CA HIS C 282 -19.59 21.51 -8.65
C HIS C 282 -21.02 21.90 -8.22
N ALA C 283 -21.88 22.15 -9.20
CA ALA C 283 -23.25 22.63 -8.94
C ALA C 283 -24.14 21.59 -8.23
N LYS C 284 -23.79 20.31 -8.34
CA LYS C 284 -24.42 19.25 -7.59
C LYS C 284 -24.42 19.57 -6.08
N CYS C 285 -23.34 20.21 -5.61
CA CYS C 285 -23.27 20.62 -4.21
C CYS C 285 -24.39 21.63 -3.86
N VAL C 286 -24.65 22.58 -4.76
CA VAL C 286 -25.70 23.57 -4.53
C VAL C 286 -27.05 22.83 -4.50
N GLU C 287 -27.27 21.89 -5.43
CA GLU C 287 -28.56 21.16 -5.49
C GLU C 287 -28.79 20.40 -4.17
N VAL C 288 -27.74 19.74 -3.69
CA VAL C 288 -27.83 18.94 -2.45
C VAL C 288 -28.22 19.85 -1.29
N VAL C 289 -27.53 20.98 -1.14
CA VAL C 289 -27.82 21.92 -0.04
C VAL C 289 -29.27 22.44 -0.15
N LYS C 290 -29.74 22.70 -1.37
CA LYS C 290 -31.10 23.23 -1.56
C LYS C 290 -32.20 22.26 -1.10
N THR C 291 -31.93 20.95 -1.17
CA THR C 291 -32.96 19.96 -0.79
C THR C 291 -33.38 20.16 0.66
N PHE C 292 -32.54 20.76 1.53
CA PHE C 292 -32.88 20.86 2.97
C PHE C 292 -33.80 22.06 3.23
N ASN C 293 -34.05 22.92 2.25
CA ASN C 293 -35.10 23.96 2.37
C ASN C 293 -34.78 24.91 3.55
N LEU C 294 -33.52 25.27 3.70
CA LEU C 294 -33.07 26.23 4.73
C LEU C 294 -32.68 27.56 4.07
N PRO C 295 -32.90 28.68 4.77
CA PRO C 295 -32.36 29.97 4.35
C PRO C 295 -30.89 29.81 3.93
N LEU C 296 -30.51 30.32 2.76
CA LEU C 296 -29.21 29.98 2.16
C LEU C 296 -28.55 31.22 1.54
N LEU C 297 -27.33 31.46 1.99
CA LEU C 297 -26.48 32.48 1.44
C LEU C 297 -25.41 31.78 0.59
N MET C 298 -25.47 32.03 -0.72
CA MET C 298 -24.46 31.53 -1.67
C MET C 298 -23.43 32.61 -2.00
N LEU C 299 -22.15 32.28 -1.79
CA LEU C 299 -21.06 33.19 -1.95
C LEU C 299 -20.07 32.66 -3.00
N GLY C 300 -19.33 33.60 -3.59
CA GLY C 300 -18.24 33.27 -4.49
C GLY C 300 -17.02 32.70 -3.75
N GLY C 301 -15.88 32.85 -4.37
CA GLY C 301 -14.67 32.23 -3.89
C GLY C 301 -13.60 32.32 -4.96
N GLY C 302 -12.68 31.38 -4.91
CA GLY C 302 -11.59 31.31 -5.89
C GLY C 302 -12.07 30.97 -7.29
N GLY C 303 -11.09 30.85 -8.19
CA GLY C 303 -11.37 30.50 -9.59
C GLY C 303 -10.61 31.40 -10.53
N TYR C 304 -9.76 30.80 -11.38
CA TYR C 304 -8.65 31.48 -12.06
C TYR C 304 -8.70 31.26 -13.58
N THR C 305 -9.48 30.29 -14.05
CA THR C 305 -9.83 30.22 -15.47
C THR C 305 -11.18 30.93 -15.64
N ILE C 306 -11.16 32.19 -16.05
CA ILE C 306 -12.33 33.01 -15.71
C ILE C 306 -13.55 32.60 -16.57
N ARG C 307 -13.34 32.06 -17.77
CA ARG C 307 -14.47 31.57 -18.56
C ARG C 307 -15.20 30.46 -17.79
N ASN C 308 -14.47 29.62 -17.05
CA ASN C 308 -15.13 28.51 -16.31
C ASN C 308 -15.79 29.04 -15.03
N VAL C 309 -15.22 30.08 -14.43
CA VAL C 309 -15.85 30.72 -13.29
C VAL C 309 -17.22 31.26 -13.70
N ALA C 310 -17.29 31.95 -14.83
CA ALA C 310 -18.55 32.55 -15.28
C ALA C 310 -19.58 31.46 -15.57
N ARG C 311 -19.15 30.38 -16.23
CA ARG C 311 -20.01 29.22 -16.49
C ARG C 311 -20.58 28.68 -15.18
N CYS C 312 -19.69 28.47 -14.22
CA CYS C 312 -20.02 27.77 -12.96
C CYS C 312 -21.06 28.58 -12.18
N TRP C 313 -20.80 29.86 -12.00
CA TRP C 313 -21.66 30.69 -11.16
C TRP C 313 -22.95 31.04 -11.91
N THR C 314 -22.90 31.09 -13.24
CA THR C 314 -24.13 31.23 -14.01
C THR C 314 -25.03 30.01 -13.77
N TYR C 315 -24.44 28.82 -13.91
CA TYR C 315 -25.22 27.59 -13.81
C TYR C 315 -25.74 27.45 -12.37
N GLU C 316 -24.92 27.82 -11.39
CA GLU C 316 -25.33 27.69 -9.99
C GLU C 316 -26.45 28.69 -9.64
N THR C 317 -26.46 29.87 -10.27
CA THR C 317 -27.58 30.80 -10.15
C THR C 317 -28.85 30.16 -10.72
N ALA C 318 -28.72 29.51 -11.86
CA ALA C 318 -29.85 28.85 -12.50
C ALA C 318 -30.38 27.73 -11.58
N VAL C 319 -29.46 26.99 -10.97
CA VAL C 319 -29.81 25.97 -9.99
C VAL C 319 -30.58 26.60 -8.82
N ALA C 320 -30.12 27.72 -8.30
CA ALA C 320 -30.83 28.39 -7.21
C ALA C 320 -32.27 28.72 -7.65
N LEU C 321 -32.44 29.06 -8.94
CA LEU C 321 -33.72 29.53 -9.47
C LEU C 321 -34.57 28.36 -9.98
N ASP C 322 -34.09 27.13 -9.85
CA ASP C 322 -34.78 25.99 -10.49
C ASP C 322 -35.06 26.20 -11.97
N CYS C 323 -34.07 26.76 -12.66
CA CYS C 323 -34.26 27.20 -14.03
C CYS C 323 -33.29 26.39 -14.92
N GLU C 324 -33.82 25.53 -15.76
CA GLU C 324 -32.99 24.82 -16.72
C GLU C 324 -32.59 25.82 -17.80
N ILE C 325 -31.29 25.90 -18.06
CA ILE C 325 -30.81 26.79 -19.09
C ILE C 325 -30.08 25.94 -20.13
N PRO C 326 -30.15 26.36 -21.41
CA PRO C 326 -29.49 25.63 -22.51
C PRO C 326 -27.97 25.59 -22.38
N ASN C 327 -27.41 24.50 -22.90
CA ASN C 327 -25.97 24.31 -22.97
C ASN C 327 -25.37 25.27 -24.00
N GLU C 328 -26.16 25.70 -25.00
CA GLU C 328 -25.71 26.72 -25.98
C GLU C 328 -25.67 28.08 -25.27
N LEU C 329 -24.51 28.73 -25.22
CA LEU C 329 -24.42 30.04 -24.54
C LEU C 329 -25.19 31.09 -25.33
N PRO C 330 -25.89 32.01 -24.63
CA PRO C 330 -26.51 33.14 -25.38
C PRO C 330 -25.40 34.10 -25.82
N TYR C 331 -25.68 34.95 -26.80
CA TYR C 331 -24.72 35.98 -27.13
C TYR C 331 -24.47 36.83 -25.88
N ASN C 332 -23.25 37.31 -25.71
CA ASN C 332 -22.91 38.11 -24.53
C ASN C 332 -21.67 38.97 -24.85
N ASP C 333 -21.35 39.89 -23.95
CA ASP C 333 -20.26 40.83 -24.21
C ASP C 333 -18.88 40.21 -24.16
N TYR C 334 -18.79 38.97 -23.68
CA TYR C 334 -17.51 38.24 -23.58
C TYR C 334 -17.55 36.97 -24.43
N PHE C 335 -18.42 36.93 -25.45
CA PHE C 335 -18.76 35.68 -26.12
C PHE C 335 -17.50 34.94 -26.61
N GLU C 336 -16.56 35.67 -27.21
CA GLU C 336 -15.30 35.11 -27.75
C GLU C 336 -14.47 34.40 -26.67
N TYR C 337 -14.66 34.76 -25.41
CA TYR C 337 -13.91 34.12 -24.30
C TYR C 337 -14.31 32.65 -24.14
N PHE C 338 -15.45 32.26 -24.72
CA PHE C 338 -16.01 30.96 -24.45
C PHE C 338 -15.73 30.00 -25.60
N GLY C 339 -14.94 30.43 -26.58
CA GLY C 339 -14.60 29.56 -27.71
C GLY C 339 -13.67 28.43 -27.28
N PRO C 340 -13.48 27.43 -28.13
CA PRO C 340 -14.10 27.32 -29.47
C PRO C 340 -15.46 26.59 -29.52
N ASP C 341 -15.94 26.13 -28.35
CA ASP C 341 -17.15 25.32 -28.22
C ASP C 341 -18.40 26.19 -27.92
N PHE C 342 -18.23 27.27 -27.17
CA PHE C 342 -19.32 28.22 -26.83
C PHE C 342 -20.44 27.52 -26.03
N LYS C 343 -20.07 26.50 -25.25
CA LYS C 343 -21.02 25.76 -24.46
C LYS C 343 -20.89 26.18 -23.00
N LEU C 344 -21.94 25.91 -22.24
CA LEU C 344 -21.99 26.24 -20.83
C LEU C 344 -21.20 25.19 -20.03
N HIS C 345 -21.36 23.92 -20.39
CA HIS C 345 -20.78 22.83 -19.60
C HIS C 345 -19.37 22.52 -20.11
N ILE C 346 -18.55 21.93 -19.22
CA ILE C 346 -17.12 21.61 -19.52
C ILE C 346 -16.87 20.10 -19.28
N SER C 347 -15.84 19.57 -19.92
CA SER C 347 -15.43 18.18 -19.68
C SER C 347 -14.26 18.14 -18.68
N PRO C 348 -14.15 17.03 -17.95
CA PRO C 348 -12.99 16.83 -17.09
C PRO C 348 -11.74 16.57 -17.94
N SER C 349 -10.55 16.72 -17.35
CA SER C 349 -9.30 16.28 -17.99
C SER C 349 -9.11 14.78 -17.71
N ASN C 350 -8.08 14.15 -18.25
CA ASN C 350 -7.82 12.74 -17.91
C ASN C 350 -6.76 12.66 -16.80
N MET C 351 -6.63 13.69 -15.97
CA MET C 351 -5.64 13.68 -14.90
C MET C 351 -5.99 12.56 -13.91
N THR C 352 -4.96 12.00 -13.28
CA THR C 352 -5.10 10.93 -12.30
C THR C 352 -5.81 11.43 -11.04
N ASN C 353 -6.80 10.67 -10.57
CA ASN C 353 -7.42 10.90 -9.25
C ASN C 353 -6.52 10.26 -8.19
N GLN C 354 -5.89 11.06 -7.34
CA GLN C 354 -4.90 10.53 -6.37
C GLN C 354 -5.57 10.14 -5.05
N ASN C 355 -6.88 10.38 -4.96
CA ASN C 355 -7.70 9.95 -3.85
C ASN C 355 -8.11 8.50 -4.08
N THR C 356 -7.45 7.56 -3.43
CA THR C 356 -7.82 6.16 -3.57
C THR C 356 -9.15 5.90 -2.84
N PRO C 357 -9.90 4.89 -3.29
CA PRO C 357 -11.06 4.48 -2.51
C PRO C 357 -10.79 4.22 -1.01
N GLU C 358 -9.70 3.53 -0.66
CA GLU C 358 -9.38 3.30 0.73
C GLU C 358 -9.19 4.65 1.48
N TYR C 359 -8.48 5.58 0.86
CA TYR C 359 -8.19 6.88 1.51
C TYR C 359 -9.51 7.62 1.79
N MET C 360 -10.38 7.63 0.76
CA MET C 360 -11.66 8.33 0.83
CA MET C 360 -11.66 8.35 0.85
C MET C 360 -12.56 7.69 1.90
N GLU C 361 -12.58 6.37 1.97
CA GLU C 361 -13.43 5.66 2.93
C GLU C 361 -12.91 5.89 4.36
N LYS C 362 -11.59 5.84 4.58
CA LYS C 362 -11.04 6.07 5.94
C LYS C 362 -11.44 7.48 6.43
N ILE C 363 -11.26 8.50 5.59
CA ILE C 363 -11.60 9.90 5.99
C ILE C 363 -13.09 9.97 6.29
N LYS C 364 -13.91 9.42 5.39
CA LYS C 364 -15.38 9.43 5.56
C LYS C 364 -15.75 8.76 6.91
N GLN C 365 -15.13 7.64 7.19
CA GLN C 365 -15.50 6.89 8.39
C GLN C 365 -15.20 7.73 9.63
N ARG C 366 -14.02 8.34 9.69
CA ARG C 366 -13.64 9.20 10.81
C ARG C 366 -14.60 10.40 10.94
N LEU C 367 -15.01 11.01 9.84
CA LEU C 367 -15.90 12.17 9.98
C LEU C 367 -17.27 11.73 10.51
N PHE C 368 -17.77 10.60 10.05
CA PHE C 368 -19.03 10.05 10.56
C PHE C 368 -18.92 9.79 12.07
N GLU C 369 -17.77 9.26 12.51
CA GLU C 369 -17.53 9.01 13.95
C GLU C 369 -17.56 10.33 14.74
N ASN C 370 -16.96 11.38 14.17
CA ASN C 370 -16.93 12.71 14.81
C ASN C 370 -18.34 13.31 14.89
N LEU C 371 -19.12 13.17 13.82
CA LEU C 371 -20.45 13.75 13.79
C LEU C 371 -21.37 13.02 14.77
N ARG C 372 -21.13 11.72 15.03
CA ARG C 372 -21.95 10.99 16.02
C ARG C 372 -21.64 11.46 17.46
N MET C 373 -20.57 12.25 17.66
CA MET C 373 -20.27 12.77 19.00
C MET C 373 -21.15 14.00 19.33
N LEU C 374 -21.92 14.54 18.36
CA LEU C 374 -22.77 15.75 18.64
C LEU C 374 -23.92 15.36 19.58
N PRO C 375 -24.46 16.35 20.31
CA PRO C 375 -25.66 16.13 21.13
C PRO C 375 -26.84 15.63 20.27
C1 PEG D . -0.70 -43.05 -29.72
O1 PEG D . -1.30 -41.91 -29.16
C2 PEG D . 0.80 -42.87 -29.87
O2 PEG D . 1.24 -41.60 -30.37
C3 PEG D . 2.66 -41.60 -30.58
C4 PEG D . 3.23 -40.24 -30.98
O4 PEG D . 2.45 -39.19 -30.39
H11 PEG D . -0.91 -43.91 -29.09
H12 PEG D . -1.14 -43.24 -30.71
HO1 PEG D . -2.24 -42.04 -29.08
H21 PEG D . 1.26 -43.03 -28.88
H22 PEG D . 1.19 -43.66 -30.52
H31 PEG D . 3.15 -41.92 -29.67
H32 PEG D . 2.90 -42.33 -31.36
H41 PEG D . 4.26 -40.16 -30.66
H42 PEG D . 3.21 -40.14 -32.07
HO4 PEG D . 2.81 -38.34 -30.65
C1 PEG E . 2.47 -31.50 4.56
O1 PEG E . 2.85 -32.20 5.74
C2 PEG E . 3.65 -30.96 3.78
O2 PEG E . 4.12 -29.79 4.43
C3 PEG E . 5.18 -29.12 3.77
C4 PEG E . 5.71 -28.02 4.70
O4 PEG E . 6.44 -28.55 5.84
H11 PEG E . 1.91 -32.18 3.91
H12 PEG E . 1.80 -30.68 4.83
HO1 PEG E . 2.05 -32.50 6.18
H21 PEG E . 4.44 -31.70 3.73
H22 PEG E . 3.34 -30.71 2.77
H31 PEG E . 5.98 -29.83 3.53
H32 PEG E . 4.82 -28.69 2.83
H41 PEG E . 6.37 -27.35 4.15
H42 PEG E . 4.86 -27.43 5.07
HO4 PEG E . 6.74 -27.84 6.40
O1 PG4 F . -2.68 -41.30 -22.16
C1 PG4 F . -2.18 -41.29 -20.82
C2 PG4 F . -0.82 -40.60 -20.76
O2 PG4 F . -0.24 -40.82 -19.47
C3 PG4 F . 1.19 -40.78 -19.45
C4 PG4 F . 1.72 -41.81 -18.46
O3 PG4 F . 1.74 -41.29 -17.12
C5 PG4 F . 2.92 -41.59 -16.37
C6 PG4 F . 2.58 -42.27 -15.05
O4 PG4 F . 3.78 -42.83 -14.50
C7 PG4 F . 4.12 -44.13 -15.04
C8 PG4 F . 4.14 -45.17 -13.94
O5 PG4 F . 2.80 -45.53 -13.59
HO1 PG4 F . -3.46 -41.76 -22.18
H11 PG4 F . -2.89 -40.74 -20.18
H12 PG4 F . -2.10 -42.30 -20.44
H21 PG4 F . -0.19 -41.01 -21.55
H22 PG4 F . -0.93 -39.53 -20.94
H31 PG4 F . 1.60 -40.98 -20.44
H32 PG4 F . 1.51 -39.79 -19.14
H41 PG4 F . 1.08 -42.70 -18.49
H42 PG4 F . 2.72 -42.11 -18.77
H51 PG4 F . 3.60 -42.22 -16.94
H52 PG4 F . 3.45 -40.66 -16.15
H61 PG4 F . 2.18 -41.55 -14.35
H62 PG4 F . 1.84 -43.05 -15.21
H71 PG4 F . 3.40 -44.42 -15.81
H72 PG4 F . 5.10 -44.07 -15.51
H81 PG4 F . 4.67 -46.06 -14.30
H82 PG4 F . 4.66 -44.79 -13.07
HO5 PG4 F . 2.82 -46.21 -12.89
C1 EDO G . -18.57 -39.29 -30.55
O1 EDO G . -19.97 -39.55 -30.63
C2 EDO G . -18.14 -39.50 -29.11
O2 EDO G . -17.96 -40.89 -28.88
H11 EDO G . -18.03 -39.97 -31.21
H12 EDO G . -18.37 -38.26 -30.86
HO1 EDO G . -20.21 -39.39 -31.54
H21 EDO G . -17.20 -38.97 -28.93
H22 EDO G . -18.90 -39.10 -28.43
HO2 EDO G . -17.68 -41.03 -27.96
C1 PEG H . -17.23 -4.55 -1.34
O1 PEG H . -17.17 -3.13 -1.17
C2 PEG H . -18.16 -5.18 -0.32
O2 PEG H . -17.85 -6.58 -0.21
C3 PEG H . -18.04 -7.16 1.08
C4 PEG H . -16.67 -7.47 1.65
O4 PEG H . -16.74 -7.81 3.04
H11 PEG H . -17.58 -4.78 -2.35
H12 PEG H . -16.23 -4.97 -1.24
HO1 PEG H . -16.64 -2.80 -1.86
H21 PEG H . -18.04 -4.68 0.64
H22 PEG H . -19.20 -5.07 -0.64
H31 PEG H . -18.58 -6.48 1.75
H32 PEG H . -18.62 -8.08 0.99
H41 PEG H . -16.22 -8.30 1.10
H42 PEG H . -16.01 -6.61 1.52
HO4 PEG H . -15.85 -8.00 3.38
ZN ZN I . -13.55 -26.27 -11.26
CA CA J . -16.15 -20.36 -14.54
NA NA K . -20.93 -7.38 -8.51
C10 KKW L . -20.01 -32.78 -6.76
C11 KKW L . -19.36 -32.31 -5.60
C12 KKW L . -12.62 -26.52 -7.12
C13 KKW L . -18.14 -31.63 -5.77
C14 KKW L . -19.65 -32.37 -4.20
C15 KKW L . -18.71 -31.76 -3.43
C16 KKW L . -13.71 -26.60 -8.21
C19 KKW L . -10.47 -25.08 -6.91
C21 KKW L . -8.73 -25.67 -5.36
C22 KKW L . -7.87 -24.77 -5.95
C01 KKW L . -11.88 -25.22 -7.46
C02 KKW L . -8.30 -24.02 -7.01
C03 KKW L . -9.58 -24.17 -7.49
C04 KKW L . -14.43 -30.35 -8.63
C05 KKW L . -15.86 -30.85 -8.63
C06 KKW L . -16.41 -29.36 -6.81
C07 KKW L . -15.01 -28.77 -6.84
C08 KKW L . -17.61 -31.43 -7.05
C09 KKW L . -19.42 -32.55 -7.98
C17 KKW L . -11.97 -25.18 -8.98
C18 KKW L . -13.72 -28.01 -8.81
C20 KKW L . -10.01 -25.84 -5.83
N23 KKW L . -13.37 -25.59 -9.23
N24 KKW L . -14.39 -28.97 -8.16
N25 KKW L . -16.41 -30.76 -7.26
N26 KKW L . -18.26 -31.90 -8.15
O27 KKW L . -13.12 -28.24 -9.85
S28 KKW L . -17.41 -31.09 -4.30
CL29 KKW L . -8.17 -26.62 -4.01
C3' KZF M . 5.46 -22.76 5.00
C2' KZF M . 6.06 -23.34 3.72
C1' KZF M . 7.51 -22.92 3.53
C6' KZF M . 8.35 -23.19 4.78
N KZF M . 8.08 -23.67 2.35
C1 KZF M . 9.39 -23.18 1.82
C2 KZF M . 9.77 -23.97 0.59
S KZF M . 11.47 -23.75 0.12
O1 KZF M . 12.28 -24.37 1.17
O2 KZF M . 11.68 -22.30 0.04
O3 KZF M . 11.62 -24.40 -1.18
C5' KZF M . 7.73 -22.62 6.04
C4' KZF M . 6.30 -23.13 6.20
H3'2 KZF M . 5.41 -21.78 4.93
H3'1 KZF M . 4.55 -23.09 5.12
H2'2 KZF M . 6.00 -24.31 3.75
H2'1 KZF M . 5.52 -23.04 2.96
HC'1 KZF M . 7.54 -21.95 3.32
H6'2 KZF M . 8.47 -24.16 4.89
H6'1 KZF M . 9.25 -22.79 4.65
HN KZF M . 8.17 -24.55 2.60
H9 KZF M . 7.46 -23.64 1.68
HC11 KZF M . 9.32 -22.23 1.60
HC12 KZF M . 10.07 -23.29 2.52
HC21 KZF M . 9.64 -24.94 0.75
HC22 KZF M . 9.21 -23.70 -0.17
H5'2 KZF M . 7.71 -21.64 5.98
H5'1 KZF M . 8.26 -22.88 6.82
H4'2 KZF M . 5.91 -22.75 7.02
H4'1 KZF M . 6.31 -24.11 6.30
C1 EDO N . 26.60 6.27 13.79
O1 EDO N . 25.85 7.36 14.31
C2 EDO N . 28.08 6.54 13.99
O2 EDO N . 28.47 7.39 12.90
H11 EDO N . 26.32 5.34 14.30
H12 EDO N . 26.40 6.15 12.72
HO1 EDO N . 24.92 7.14 14.19
H21 EDO N . 28.24 7.05 14.95
H22 EDO N . 28.65 5.62 13.97
HO2 EDO N . 29.41 7.61 12.99
C1 PEG O . 12.08 -2.33 -3.95
O1 PEG O . 12.42 -2.72 -5.27
C2 PEG O . 13.16 -1.35 -3.49
O2 PEG O . 12.58 -0.36 -2.66
C3 PEG O . 13.43 0.74 -2.35
C4 PEG O . 12.71 2.05 -2.67
O4 PEG O . 11.37 1.96 -2.18
H11 PEG O . 11.11 -1.85 -3.94
H12 PEG O . 12.06 -3.20 -3.29
HO1 PEG O . 11.76 -3.39 -5.57
H21 PEG O . 13.92 -1.89 -2.91
H22 PEG O . 13.63 -0.89 -4.35
H31 PEG O . 13.70 0.71 -1.29
H32 PEG O . 14.36 0.68 -2.93
H41 PEG O . 13.22 2.88 -2.19
H42 PEG O . 12.71 2.22 -3.75
HO4 PEG O . 10.90 2.79 -2.37
C1 PEG P . 12.71 -18.92 26.06
O1 PEG P . 12.15 -19.91 25.19
C2 PEG P . 12.98 -17.64 25.28
O2 PEG P . 12.68 -16.48 26.06
C3 PEG P . 12.51 -15.32 25.26
C4 PEG P . 11.03 -15.18 24.93
O4 PEG P . 10.90 -14.38 23.77
H11 PEG P . 12.00 -18.71 26.88
H12 PEG P . 13.64 -19.29 26.50
HO1 PEG P . 12.00 -20.70 25.74
H21 PEG P . 14.02 -17.63 24.97
H22 PEG P . 12.37 -17.65 24.36
H31 PEG P . 12.84 -14.44 25.82
H32 PEG P . 13.09 -15.39 24.34
H41 PEG P . 10.59 -16.16 24.75
H42 PEG P . 10.50 -14.71 25.77
HO4 PEG P . 9.97 -14.28 23.54
C1 PEG Q . 23.49 1.99 -5.86
O1 PEG Q . 24.82 2.44 -6.18
C2 PEG Q . 23.06 2.55 -4.51
O2 PEG Q . 21.65 2.70 -4.52
C3 PEG Q . 21.08 3.12 -3.28
C4 PEG Q . 19.72 3.77 -3.56
O4 PEG Q . 19.90 5.16 -3.81
H11 PEG Q . 22.80 2.34 -6.63
H12 PEG Q . 23.46 0.91 -5.84
HO1 PEG Q . 25.02 2.02 -6.91
H21 PEG Q . 23.36 1.86 -3.71
H22 PEG Q . 23.55 3.51 -4.33
H31 PEG Q . 20.95 2.26 -2.63
H32 PEG Q . 21.73 3.84 -2.78
H41 PEG Q . 19.27 3.29 -4.44
H42 PEG Q . 19.05 3.61 -2.71
HO4 PEG Q . 19.06 5.57 -3.99
C1 PEG R . 36.53 3.78 -5.80
O1 PEG R . 35.17 3.31 -5.65
C2 PEG R . 37.28 3.61 -4.49
O2 PEG R . 38.28 2.59 -4.59
C3 PEG R . 38.88 2.28 -3.32
C4 PEG R . 40.29 2.85 -3.27
O4 PEG R . 40.75 2.94 -1.91
H11 PEG R . 37.02 3.22 -6.59
H12 PEG R . 36.51 4.84 -6.08
HO1 PEG R . 34.86 3.39 -6.44
H21 PEG R . 37.75 4.56 -4.22
H22 PEG R . 36.57 3.35 -3.70
H31 PEG R . 38.30 2.70 -2.50
H32 PEG R . 38.91 1.20 -3.19
H41 PEG R . 40.97 2.20 -3.83
H42 PEG R . 40.30 3.84 -3.72
HO4 PEG R . 41.64 3.30 -1.89
C1 EDO S . 24.72 -29.21 29.82
O1 EDO S . 24.80 -30.33 28.95
C2 EDO S . 23.76 -28.17 29.27
O2 EDO S . 23.75 -26.99 30.09
H11 EDO S . 24.39 -29.52 30.81
H12 EDO S . 25.72 -28.76 29.93
HO1 EDO S . 25.29 -30.98 29.42
H21 EDO S . 24.05 -27.90 28.25
H22 EDO S . 22.74 -28.59 29.23
HO2 EDO S . 23.13 -26.35 29.73
ZN ZN T . 28.46 -3.46 14.43
CA CA U . 30.12 -8.97 18.85
NA NA V . 21.12 -16.99 27.82
C10 KKW W . 27.14 5.90 18.29
C11 KKW W . 25.81 5.65 17.90
C12 KKW W . 24.52 -2.19 13.50
C13 KKW W . 25.58 4.57 17.00
C14 KKW W . 24.55 6.26 18.21
C15 KKW W . 23.50 5.67 17.58
C16 KKW W . 25.74 -2.14 14.46
C19 KKW W . 23.60 -4.08 12.04
C21 KKW W . 22.13 -3.59 10.21
C22 KKW W . 22.30 -4.86 9.70
C01 KKW W . 24.32 -3.70 13.31
C02 KKW W . 23.12 -5.74 10.36
C03 KKW W . 23.76 -5.36 11.52
C04 KKW W . 25.26 0.71 14.91
C05 KKW W . 25.59 1.67 16.05
C06 KKW W . 27.75 2.17 15.01
C07 KKW W . 27.38 1.29 13.83
C08 KKW W . 26.67 3.80 16.52
C09 KKW W . 28.14 5.09 17.78
C17 KKW W . 25.77 -4.23 13.38
C18 KKW W . 26.71 -1.07 13.97
C20 KKW W . 22.77 -3.19 11.37
N23 KKW W . 26.39 -3.48 14.49
N24 KKW W . 26.48 0.23 14.26
N25 KKW W . 26.53 2.71 15.63
N26 KKW W . 27.92 4.07 16.93
O27 KKW W . 27.70 -1.41 13.33
S28 KKW W . 23.93 4.35 16.57
CL29 KKW W . 21.09 -2.47 9.37
O1 PG4 X . -22.40 50.28 14.37
C1 PG4 X . -22.25 49.03 15.05
C2 PG4 X . -20.86 48.42 14.90
O2 PG4 X . -19.89 49.37 15.36
C3 PG4 X . -18.72 48.84 15.96
C4 PG4 X . -17.62 49.89 15.99
O3 PG4 X . -17.98 51.15 16.56
C5 PG4 X . -16.86 52.03 16.74
C6 PG4 X . -17.35 53.44 17.10
O4 PG4 X . -18.23 53.95 16.13
C7 PG4 X . -18.86 55.17 16.53
C8 PG4 X . -19.81 55.68 15.44
O5 PG4 X . -20.59 54.60 14.93
HO1 PG4 X . -23.31 50.62 14.52
H11 PG4 X . -22.46 49.19 16.11
H12 PG4 X . -22.99 48.32 14.68
H21 PG4 X . -20.79 47.51 15.49
H22 PG4 X . -20.67 48.18 13.86
H31 PG4 X . -18.94 48.50 16.97
H32 PG4 X . -18.38 47.97 15.38
H41 PG4 X . -16.77 49.50 16.54
H42 PG4 X . -17.29 50.08 14.96
H51 PG4 X . -16.20 51.66 17.53
H52 PG4 X . -16.28 52.09 15.82
H61 PG4 X . -17.85 53.41 18.08
H62 PG4 X . -16.48 54.10 17.19
H71 PG4 X . -19.42 55.02 17.45
H72 PG4 X . -18.09 55.92 16.71
H81 PG4 X . -20.47 56.45 15.86
H82 PG4 X . -19.24 56.13 14.62
HO5 PG4 X . -21.20 54.93 14.26
C1 PEG Y . -29.92 34.26 19.13
O1 PEG Y . -29.72 33.32 20.17
C2 PEG Y . -30.73 33.65 17.98
O2 PEG Y . -31.99 33.18 18.48
C3 PEG Y . -32.90 32.85 17.42
C4 PEG Y . -34.13 32.18 18.01
O4 PEG Y . -34.96 33.16 18.68
H11 PEG Y . -30.44 35.15 19.51
H12 PEG Y . -28.95 34.59 18.74
HO1 PEG Y . -29.21 33.73 20.88
H21 PEG Y . -30.90 34.40 17.21
H22 PEG Y . -30.18 32.82 17.54
H31 PEG Y . -33.20 33.76 16.89
H32 PEG Y . -32.42 32.19 16.71
H41 PEG Y . -34.70 31.70 17.22
H42 PEG Y . -33.82 31.41 18.73
HO4 PEG Y . -35.74 32.72 19.05
C1 EDO Z . -11.43 51.11 -9.42
O1 EDO Z . -12.85 51.26 -9.29
C2 EDO Z . -10.72 52.32 -8.83
O2 EDO Z . -9.41 52.44 -9.37
H11 EDO Z . -11.10 50.21 -8.91
H12 EDO Z . -11.17 51.01 -10.48
HO1 EDO Z . -13.28 50.48 -9.62
H21 EDO Z . -11.29 53.23 -9.06
H22 EDO Z . -10.67 52.23 -7.74
HO2 EDO Z . -8.97 53.21 -9.00
C1 EDO AA . -34.73 27.29 0.92
O1 EDO AA . -33.74 28.11 0.30
C2 EDO AA . -36.01 28.08 1.15
O2 EDO AA . -36.93 27.27 1.90
H11 EDO AA . -34.92 26.42 0.30
H12 EDO AA . -34.35 26.94 1.87
HO1 EDO AA . -33.05 27.54 0.14
H21 EDO AA . -35.79 28.98 1.70
H22 EDO AA . -36.45 28.34 0.19
HO2 EDO AA . -37.74 27.78 2.04
ZN ZN BA . -9.23 28.96 -3.34
CA CA CA . -12.83 24.38 0.92
NA NA DA . -17.43 25.86 15.14
C10 KKW EA . 0.93 29.86 -2.38
C11 KKW EA . 0.54 31.10 -1.85
C12 KKW EA . -8.40 33.00 -2.36
C13 KKW EA . -0.79 31.54 -2.09
C14 KKW EA . 1.22 32.10 -1.07
C15 KKW EA . 0.41 33.16 -0.79
C16 KKW EA . -7.99 31.54 -2.20
C19 KKW EA . -10.71 34.13 -2.47
C21 KKW EA . -10.87 36.40 -3.22
C22 KKW EA . -12.23 36.30 -3.32
C01 KKW EA . -9.88 32.95 -2.00
C02 KKW EA . -12.84 35.12 -3.00
C03 KKW EA . -12.09 34.04 -2.58
C04 KKW EA . -5.13 32.13 -2.39
C05 KKW EA . -3.86 31.40 -1.96
C06 KKW EA . -3.74 30.32 -4.14
C07 KKW EA . -4.99 31.08 -4.59
C08 KKW EA . -1.68 30.73 -2.85
C09 KKW EA . 0.01 29.13 -3.10
C17 KKW EA . -10.31 31.59 -2.56
C18 KKW EA . -7.15 31.11 -3.40
C20 KKW EA . -10.10 35.34 -2.80
N23 KKW EA . -9.22 30.74 -2.08
N24 KKW EA . -5.84 31.38 -3.44
N25 KKW EA . -3.00 31.08 -3.12
N26 KKW EA . -1.25 29.54 -3.33
O27 KKW EA . -7.72 30.51 -4.31
S28 KKW EA . -1.17 33.08 -1.40
CL29 KKW EA . -10.08 37.90 -3.63
#